data_2AYJ
#
_entry.id   2AYJ
#
loop_
_entity.id
_entity.type
_entity.pdbx_description
1 polymer '50S ribosomal protein L40e'
2 non-polymer 'ZINC ION'
#
_entity_poly.entity_id   1
_entity_poly.type   'polypeptide(L)'
_entity_poly.pdbx_seq_one_letter_code
;MPLTDPAKLQIVQQRVFLKKVCRKCGALNPIRATKCRRCHSTNLRLKKKELPTKKG
;
_entity_poly.pdbx_strand_id   A
#
loop_
_chem_comp.id
_chem_comp.type
_chem_comp.name
_chem_comp.formula
ZN non-polymer 'ZINC ION' 'Zn 2'
#
# COMPACT_ATOMS: atom_id res chain seq x y z
N MET A 1 -6.84 2.66 9.91
CA MET A 1 -5.59 2.90 10.67
C MET A 1 -5.80 3.99 11.70
N PRO A 2 -4.93 4.05 12.72
CA PRO A 2 -4.96 5.10 13.76
C PRO A 2 -5.20 6.50 13.21
N LEU A 3 -4.62 6.78 12.06
CA LEU A 3 -4.94 8.00 11.33
C LEU A 3 -6.21 7.79 10.53
N THR A 4 -7.35 8.08 11.16
CA THR A 4 -8.63 7.81 10.55
C THR A 4 -9.17 9.05 9.84
N ASP A 5 -8.76 9.21 8.59
CA ASP A 5 -9.27 10.26 7.72
C ASP A 5 -10.67 9.90 7.26
N PRO A 6 -11.41 10.87 6.71
CA PRO A 6 -12.74 10.60 6.16
C PRO A 6 -12.66 9.61 5.01
N ALA A 7 -11.89 9.96 3.98
CA ALA A 7 -11.68 9.10 2.82
C ALA A 7 -10.69 9.71 1.84
N LYS A 8 -9.43 9.29 1.92
CA LYS A 8 -8.42 9.73 0.97
C LYS A 8 -8.59 9.00 -0.35
N LEU A 9 -7.72 9.31 -1.31
CA LEU A 9 -7.72 8.64 -2.61
C LEU A 9 -6.97 7.32 -2.52
N GLN A 10 -6.99 6.71 -1.36
CA GLN A 10 -6.31 5.44 -1.12
C GLN A 10 -7.32 4.36 -0.78
N ILE A 11 -6.79 3.18 -0.47
CA ILE A 11 -7.60 1.98 -0.26
C ILE A 11 -8.38 2.03 1.06
N VAL A 12 -8.27 3.15 1.76
CA VAL A 12 -8.93 3.32 3.06
C VAL A 12 -10.44 3.16 2.96
N GLN A 13 -11.02 3.61 1.84
CA GLN A 13 -12.46 3.52 1.65
C GLN A 13 -12.85 2.19 1.02
N GLN A 14 -12.74 1.13 1.82
CA GLN A 14 -13.16 -0.22 1.44
C GLN A 14 -12.46 -0.71 0.18
N ARG A 15 -11.22 -1.14 0.33
CA ARG A 15 -10.48 -1.80 -0.74
C ARG A 15 -9.81 -3.06 -0.19
N VAL A 16 -9.80 -4.10 -1.01
CA VAL A 16 -9.17 -5.37 -0.61
C VAL A 16 -7.68 -5.34 -0.89
N PHE A 17 -7.27 -4.43 -1.75
CA PHE A 17 -5.85 -4.26 -2.06
C PHE A 17 -5.17 -3.47 -0.96
N LEU A 18 -4.14 -4.05 -0.38
CA LEU A 18 -3.40 -3.43 0.71
C LEU A 18 -2.32 -2.52 0.18
N LYS A 19 -1.56 -1.93 1.09
CA LYS A 19 -0.48 -1.03 0.72
C LYS A 19 0.80 -1.80 0.45
N LYS A 20 1.77 -1.12 -0.14
CA LYS A 20 3.05 -1.71 -0.47
C LYS A 20 4.13 -1.30 0.52
N VAL A 21 4.86 -2.26 1.02
CA VAL A 21 5.93 -2.00 1.96
C VAL A 21 7.29 -2.22 1.28
N CYS A 22 8.13 -1.21 1.36
CA CYS A 22 9.49 -1.27 0.84
C CYS A 22 10.25 -2.44 1.45
N ARG A 23 10.91 -3.22 0.61
CA ARG A 23 11.70 -4.35 1.08
C ARG A 23 13.10 -3.91 1.50
N LYS A 24 13.33 -2.60 1.46
CA LYS A 24 14.58 -2.02 1.92
C LYS A 24 14.40 -1.39 3.30
N CYS A 25 13.49 -0.44 3.41
CA CYS A 25 13.30 0.29 4.65
C CYS A 25 12.22 -0.37 5.50
N GLY A 26 11.24 -0.93 4.81
CA GLY A 26 10.01 -1.31 5.47
C GLY A 26 9.04 -0.15 5.47
N ALA A 27 9.26 0.77 4.54
CA ALA A 27 8.41 1.93 4.39
C ALA A 27 7.19 1.60 3.55
N LEU A 28 6.03 1.72 4.15
CA LEU A 28 4.79 1.40 3.49
C LEU A 28 4.27 2.62 2.75
N ASN A 29 4.17 2.51 1.43
CA ASN A 29 3.76 3.61 0.59
C ASN A 29 2.35 3.36 0.10
N PRO A 30 1.61 4.42 -0.29
CA PRO A 30 0.28 4.26 -0.83
C PRO A 30 0.31 3.47 -2.12
N ILE A 31 -0.80 2.81 -2.43
CA ILE A 31 -0.92 2.06 -3.67
C ILE A 31 -0.73 2.97 -4.88
N ARG A 32 -0.91 4.27 -4.65
CA ARG A 32 -0.77 5.29 -5.68
C ARG A 32 0.70 5.65 -5.91
N ALA A 33 1.52 5.46 -4.88
CA ALA A 33 2.93 5.81 -4.97
C ALA A 33 3.65 4.88 -5.92
N THR A 34 4.58 5.42 -6.68
CA THR A 34 5.30 4.63 -7.65
C THR A 34 6.50 3.95 -7.02
N LYS A 35 7.05 4.56 -5.99
CA LYS A 35 8.19 4.00 -5.31
C LYS A 35 8.24 4.48 -3.87
N CYS A 36 9.25 3.98 -3.18
CA CYS A 36 9.47 4.28 -1.78
C CYS A 36 9.68 5.77 -1.55
N ARG A 37 8.99 6.31 -0.57
CA ARG A 37 9.18 7.70 -0.18
C ARG A 37 10.28 7.81 0.87
N ARG A 38 11.09 6.76 0.97
CA ARG A 38 12.27 6.78 1.82
C ARG A 38 13.55 6.70 0.97
N CYS A 39 13.63 5.69 0.11
CA CYS A 39 14.87 5.48 -0.66
C CYS A 39 14.62 5.59 -2.16
N HIS A 40 13.35 5.69 -2.57
CA HIS A 40 13.02 5.91 -3.98
C HIS A 40 13.64 4.83 -4.86
N SER A 41 13.66 3.61 -4.36
CA SER A 41 14.38 2.52 -4.99
C SER A 41 13.42 1.61 -5.76
N THR A 42 12.16 2.03 -5.84
CA THR A 42 11.11 1.28 -6.53
C THR A 42 11.01 -0.17 -6.03
N ASN A 43 11.48 -0.39 -4.80
CA ASN A 43 11.51 -1.73 -4.22
C ASN A 43 10.42 -1.87 -3.16
N LEU A 44 9.18 -1.96 -3.61
CA LEU A 44 8.06 -2.12 -2.71
C LEU A 44 7.34 -3.43 -3.00
N ARG A 45 6.74 -4.00 -1.98
CA ARG A 45 5.95 -5.20 -2.15
C ARG A 45 4.58 -4.98 -1.51
N LEU A 46 3.52 -5.21 -2.27
CA LEU A 46 2.19 -5.02 -1.74
C LEU A 46 1.86 -6.16 -0.79
N LYS A 47 1.30 -5.80 0.36
CA LYS A 47 0.99 -6.79 1.39
C LYS A 47 0.09 -7.90 0.85
N LYS A 48 0.15 -9.04 1.52
CA LYS A 48 -0.63 -10.21 1.14
C LYS A 48 -2.10 -9.86 0.96
N LYS A 49 -2.56 -9.94 -0.28
CA LYS A 49 -3.98 -9.71 -0.59
C LYS A 49 -4.81 -10.78 0.09
N GLU A 50 -4.23 -11.97 0.21
CA GLU A 50 -4.88 -13.11 0.85
C GLU A 50 -6.07 -13.59 0.02
N LEU A 51 -6.74 -14.61 0.51
CA LEU A 51 -7.92 -15.14 -0.16
C LEU A 51 -9.10 -15.12 0.78
N PRO A 52 -10.32 -15.07 0.22
CA PRO A 52 -11.54 -15.11 1.02
C PRO A 52 -11.69 -16.45 1.73
N THR A 53 -11.89 -17.51 0.95
CA THR A 53 -12.01 -18.85 1.49
C THR A 53 -11.31 -19.84 0.56
N LYS A 54 -11.66 -19.77 -0.71
CA LYS A 54 -11.04 -20.62 -1.73
C LYS A 54 -10.33 -19.74 -2.76
N LYS A 55 -9.80 -20.36 -3.80
CA LYS A 55 -9.14 -19.61 -4.86
C LYS A 55 -10.17 -19.05 -5.83
N GLY A 56 -9.79 -18.00 -6.54
CA GLY A 56 -10.70 -17.35 -7.44
C GLY A 56 -10.32 -15.90 -7.65
ZN ZN B . 12.88 2.24 0.91
N MET A 1 -1.95 5.48 17.14
CA MET A 1 -1.26 5.80 15.87
C MET A 1 -1.51 7.26 15.50
N PRO A 2 -0.53 7.91 14.85
CA PRO A 2 -0.65 9.32 14.47
C PRO A 2 -1.63 9.54 13.33
N LEU A 3 -2.91 9.56 13.65
CA LEU A 3 -3.95 9.80 12.66
C LEU A 3 -4.22 11.29 12.54
N THR A 4 -3.61 11.91 11.53
CA THR A 4 -3.72 13.35 11.35
C THR A 4 -4.63 13.68 10.17
N ASP A 5 -4.95 12.66 9.38
CA ASP A 5 -5.79 12.84 8.21
C ASP A 5 -7.17 12.20 8.41
N PRO A 6 -8.15 12.63 7.59
CA PRO A 6 -9.52 12.11 7.64
C PRO A 6 -9.65 10.70 7.07
N ALA A 7 -8.59 10.23 6.43
CA ALA A 7 -8.60 8.94 5.74
C ALA A 7 -9.68 8.89 4.66
N LYS A 8 -9.60 9.84 3.73
CA LYS A 8 -10.55 9.91 2.64
C LYS A 8 -10.01 9.21 1.40
N LEU A 9 -8.71 9.39 1.15
CA LEU A 9 -8.08 8.81 -0.02
C LEU A 9 -7.37 7.51 0.34
N GLN A 10 -6.69 6.91 -0.64
CA GLN A 10 -6.00 5.64 -0.44
C GLN A 10 -6.98 4.52 -0.14
N ILE A 11 -6.46 3.39 0.32
CA ILE A 11 -7.29 2.25 0.65
C ILE A 11 -7.79 2.31 2.09
N VAL A 12 -7.39 3.36 2.80
CA VAL A 12 -7.65 3.45 4.23
C VAL A 12 -9.10 3.82 4.54
N GLN A 13 -9.83 4.29 3.53
CA GLN A 13 -11.24 4.59 3.70
C GLN A 13 -12.02 3.29 3.90
N GLN A 14 -12.13 2.50 2.83
CA GLN A 14 -12.75 1.19 2.91
C GLN A 14 -12.35 0.35 1.70
N ARG A 15 -11.15 -0.21 1.75
CA ARG A 15 -10.67 -1.09 0.70
C ARG A 15 -10.23 -2.42 1.29
N VAL A 16 -10.45 -3.50 0.54
CA VAL A 16 -9.97 -4.82 0.95
C VAL A 16 -8.50 -4.97 0.61
N PHE A 17 -7.96 -4.00 -0.12
CA PHE A 17 -6.55 -4.00 -0.50
C PHE A 17 -5.74 -3.23 0.53
N LEU A 18 -4.43 -3.43 0.53
CA LEU A 18 -3.55 -2.80 1.49
C LEU A 18 -2.45 -2.02 0.78
N LYS A 19 -1.54 -1.43 1.54
CA LYS A 19 -0.46 -0.62 0.99
C LYS A 19 0.74 -1.48 0.59
N LYS A 20 1.74 -0.87 -0.03
CA LYS A 20 2.96 -1.57 -0.42
C LYS A 20 4.06 -1.22 0.55
N VAL A 21 4.76 -2.23 1.02
CA VAL A 21 5.81 -2.02 1.97
C VAL A 21 7.17 -2.23 1.32
N CYS A 22 8.02 -1.24 1.43
CA CYS A 22 9.39 -1.31 0.94
C CYS A 22 10.13 -2.47 1.61
N ARG A 23 10.78 -3.30 0.80
CA ARG A 23 11.55 -4.41 1.38
C ARG A 23 12.97 -3.97 1.73
N LYS A 24 13.22 -2.67 1.63
CA LYS A 24 14.48 -2.08 2.05
C LYS A 24 14.33 -1.49 3.45
N CYS A 25 13.34 -0.62 3.63
CA CYS A 25 13.07 0.00 4.93
C CYS A 25 12.03 -0.78 5.68
N GLY A 26 10.97 -1.11 4.97
CA GLY A 26 9.72 -1.44 5.60
C GLY A 26 8.79 -0.24 5.52
N ALA A 27 9.13 0.68 4.61
CA ALA A 27 8.36 1.91 4.41
C ALA A 27 7.12 1.61 3.58
N LEU A 28 5.96 1.80 4.18
CA LEU A 28 4.71 1.54 3.51
C LEU A 28 4.27 2.75 2.70
N ASN A 29 4.24 2.58 1.39
CA ASN A 29 3.89 3.67 0.50
C ASN A 29 2.48 3.46 -0.01
N PRO A 30 1.79 4.54 -0.38
CA PRO A 30 0.43 4.44 -0.88
C PRO A 30 0.37 3.65 -2.18
N ILE A 31 -0.78 3.05 -2.44
CA ILE A 31 -1.01 2.25 -3.65
C ILE A 31 -0.89 3.12 -4.91
N ARG A 32 -0.85 4.43 -4.71
CA ARG A 32 -0.77 5.38 -5.80
C ARG A 32 0.68 5.84 -6.02
N ALA A 33 1.54 5.54 -5.06
CA ALA A 33 2.94 5.93 -5.14
C ALA A 33 3.69 5.02 -6.09
N THR A 34 4.73 5.55 -6.70
CA THR A 34 5.52 4.79 -7.66
C THR A 34 6.64 4.02 -6.97
N LYS A 35 7.19 4.61 -5.90
CA LYS A 35 8.32 4.00 -5.24
C LYS A 35 8.40 4.40 -3.78
N CYS A 36 9.42 3.90 -3.11
CA CYS A 36 9.66 4.18 -1.70
C CYS A 36 9.90 5.66 -1.50
N ARG A 37 9.20 6.26 -0.56
CA ARG A 37 9.42 7.66 -0.22
C ARG A 37 10.61 7.81 0.74
N ARG A 38 11.34 6.71 0.92
CA ARG A 38 12.57 6.70 1.73
C ARG A 38 13.80 6.37 0.87
N CYS A 39 13.67 5.40 -0.03
CA CYS A 39 14.76 5.02 -0.92
C CYS A 39 14.58 5.67 -2.27
N HIS A 40 13.32 5.69 -2.71
CA HIS A 40 12.98 5.97 -4.09
C HIS A 40 13.59 4.89 -4.98
N SER A 41 13.46 3.65 -4.52
CA SER A 41 14.15 2.51 -5.12
C SER A 41 13.20 1.64 -5.93
N THR A 42 11.94 2.04 -5.98
CA THR A 42 10.86 1.26 -6.61
C THR A 42 10.84 -0.18 -6.07
N ASN A 43 11.35 -0.35 -4.85
CA ASN A 43 11.47 -1.67 -4.27
C ASN A 43 10.41 -1.87 -3.19
N LEU A 44 9.17 -2.02 -3.61
CA LEU A 44 8.05 -2.18 -2.69
C LEU A 44 7.33 -3.49 -2.96
N ARG A 45 6.65 -4.01 -1.96
CA ARG A 45 5.81 -5.18 -2.15
C ARG A 45 4.43 -4.91 -1.59
N LEU A 46 3.42 -5.14 -2.41
CA LEU A 46 2.04 -4.89 -2.02
C LEU A 46 1.61 -5.91 -0.97
N LYS A 47 1.03 -5.44 0.12
CA LYS A 47 0.54 -6.32 1.18
C LYS A 47 -0.48 -7.31 0.63
N LYS A 48 0.00 -8.51 0.34
CA LYS A 48 -0.82 -9.54 -0.25
C LYS A 48 -1.85 -10.04 0.75
N LYS A 49 -3.11 -9.90 0.40
CA LYS A 49 -4.21 -10.36 1.24
C LYS A 49 -4.27 -11.89 1.24
N GLU A 50 -3.44 -12.49 0.37
CA GLU A 50 -3.29 -13.94 0.30
C GLU A 50 -4.57 -14.61 -0.15
N LEU A 51 -4.68 -14.81 -1.46
CA LEU A 51 -5.79 -15.52 -2.05
C LEU A 51 -5.55 -17.03 -1.91
N PRO A 52 -6.59 -17.85 -2.07
CA PRO A 52 -6.45 -19.31 -2.04
C PRO A 52 -5.47 -19.82 -3.10
N THR A 53 -4.23 -20.05 -2.67
CA THR A 53 -3.19 -20.58 -3.55
C THR A 53 -2.84 -22.00 -3.14
N LYS A 54 -2.61 -22.18 -1.85
CA LYS A 54 -2.31 -23.50 -1.30
C LYS A 54 -3.00 -23.68 0.04
N LYS A 55 -4.15 -24.32 0.02
CA LYS A 55 -4.89 -24.63 1.22
C LYS A 55 -6.00 -25.62 0.89
N GLY A 56 -5.82 -26.85 1.32
CA GLY A 56 -6.77 -27.89 1.02
C GLY A 56 -6.10 -29.24 0.87
ZN ZN B . 12.84 2.15 1.37
N MET A 1 1.73 23.24 -14.81
CA MET A 1 1.86 21.96 -14.10
C MET A 1 0.50 21.50 -13.60
N PRO A 2 0.27 20.18 -13.54
CA PRO A 2 -1.00 19.62 -13.07
C PRO A 2 -1.16 19.77 -11.57
N LEU A 3 -2.37 20.09 -11.14
CA LEU A 3 -2.65 20.25 -9.72
C LEU A 3 -3.29 18.99 -9.15
N THR A 4 -2.58 18.34 -8.26
CA THR A 4 -3.08 17.15 -7.60
C THR A 4 -3.55 17.50 -6.19
N ASP A 5 -4.75 17.04 -5.83
CA ASP A 5 -5.31 17.34 -4.52
C ASP A 5 -4.52 16.66 -3.42
N PRO A 6 -4.42 17.32 -2.26
CA PRO A 6 -3.61 16.85 -1.12
C PRO A 6 -4.20 15.62 -0.43
N ALA A 7 -5.52 15.58 -0.29
CA ALA A 7 -6.17 14.52 0.47
C ALA A 7 -6.36 13.26 -0.36
N LYS A 8 -5.40 12.35 -0.28
CA LYS A 8 -5.52 11.05 -0.93
C LYS A 8 -6.41 10.15 -0.11
N LEU A 9 -7.30 9.44 -0.78
CA LEU A 9 -8.27 8.57 -0.11
C LEU A 9 -7.62 7.26 0.30
N GLN A 10 -6.81 6.70 -0.61
CA GLN A 10 -6.12 5.44 -0.36
C GLN A 10 -7.09 4.35 0.05
N ILE A 11 -6.73 3.57 1.05
CA ILE A 11 -7.52 2.41 1.44
C ILE A 11 -8.05 2.54 2.87
N VAL A 12 -7.85 3.71 3.45
CA VAL A 12 -8.24 3.92 4.84
C VAL A 12 -9.77 3.94 4.98
N GLN A 13 -10.24 3.11 5.91
CA GLN A 13 -11.67 2.96 6.21
C GLN A 13 -12.41 2.15 5.14
N GLN A 14 -12.69 0.90 5.49
CA GLN A 14 -13.55 -0.01 4.72
C GLN A 14 -12.87 -0.57 3.47
N ARG A 15 -11.85 0.10 2.97
CA ARG A 15 -11.12 -0.41 1.80
C ARG A 15 -10.16 -1.50 2.25
N VAL A 16 -10.60 -2.75 2.14
CA VAL A 16 -9.83 -3.89 2.61
C VAL A 16 -8.67 -4.22 1.67
N PHE A 17 -7.65 -3.38 1.76
CA PHE A 17 -6.39 -3.58 1.06
C PHE A 17 -5.29 -3.03 1.94
N LEU A 18 -4.16 -3.70 1.99
CA LEU A 18 -3.04 -3.19 2.74
C LEU A 18 -2.13 -2.38 1.84
N LYS A 19 -1.05 -1.87 2.40
CA LYS A 19 -0.15 -1.03 1.65
C LYS A 19 1.11 -1.80 1.27
N LYS A 20 1.99 -1.16 0.51
CA LYS A 20 3.21 -1.79 0.03
C LYS A 20 4.38 -1.37 0.88
N VAL A 21 5.06 -2.34 1.46
CA VAL A 21 6.16 -2.04 2.35
C VAL A 21 7.49 -2.23 1.65
N CYS A 22 8.27 -1.17 1.63
CA CYS A 22 9.61 -1.19 1.06
C CYS A 22 10.47 -2.24 1.74
N ARG A 23 11.04 -3.13 0.96
CA ARG A 23 11.86 -4.20 1.53
C ARG A 23 13.26 -3.70 1.86
N LYS A 24 13.46 -2.39 1.73
CA LYS A 24 14.73 -1.77 2.06
C LYS A 24 14.63 -1.06 3.42
N CYS A 25 13.65 -0.17 3.57
CA CYS A 25 13.45 0.54 4.84
C CYS A 25 12.47 -0.23 5.70
N GLY A 26 11.43 -0.71 5.04
CA GLY A 26 10.20 -1.03 5.72
C GLY A 26 9.23 0.12 5.59
N ALA A 27 9.46 0.93 4.56
CA ALA A 27 8.64 2.10 4.29
C ALA A 27 7.36 1.69 3.56
N LEU A 28 6.25 1.80 4.26
CA LEU A 28 4.97 1.46 3.69
C LEU A 28 4.44 2.64 2.88
N ASN A 29 4.35 2.47 1.58
CA ASN A 29 3.91 3.54 0.71
C ASN A 29 2.48 3.30 0.28
N PRO A 30 1.76 4.36 -0.10
CA PRO A 30 0.39 4.22 -0.57
C PRO A 30 0.33 3.38 -1.84
N ILE A 31 -0.84 2.80 -2.09
CA ILE A 31 -1.06 2.01 -3.29
C ILE A 31 -0.91 2.88 -4.54
N ARG A 32 -0.88 4.19 -4.33
CA ARG A 32 -0.72 5.16 -5.42
C ARG A 32 0.75 5.46 -5.69
N ALA A 33 1.61 5.12 -4.74
CA ALA A 33 3.03 5.42 -4.85
C ALA A 33 3.73 4.36 -5.67
N THR A 34 4.39 4.79 -6.72
CA THR A 34 5.06 3.88 -7.61
C THR A 34 6.35 3.33 -7.00
N LYS A 35 6.91 4.05 -6.03
CA LYS A 35 8.14 3.62 -5.39
C LYS A 35 8.22 4.12 -3.96
N CYS A 36 9.30 3.75 -3.28
CA CYS A 36 9.52 4.13 -1.90
C CYS A 36 9.71 5.64 -1.79
N ARG A 37 8.98 6.27 -0.90
CA ARG A 37 9.14 7.71 -0.68
C ARG A 37 10.38 8.00 0.18
N ARG A 38 11.16 6.96 0.46
CA ARG A 38 12.41 7.12 1.21
C ARG A 38 13.62 6.74 0.36
N CYS A 39 13.50 5.68 -0.44
CA CYS A 39 14.58 5.29 -1.34
C CYS A 39 14.36 5.90 -2.69
N HIS A 40 13.09 5.95 -3.08
CA HIS A 40 12.70 6.14 -4.46
C HIS A 40 13.18 4.92 -5.25
N SER A 41 12.85 3.79 -4.68
CA SER A 41 13.20 2.49 -5.19
C SER A 41 11.92 1.69 -5.23
N THR A 42 11.67 1.02 -6.33
CA THR A 42 10.41 0.39 -6.54
C THR A 42 10.35 -1.00 -5.92
N ASN A 43 11.11 -1.15 -4.84
CA ASN A 43 11.23 -2.42 -4.13
C ASN A 43 10.25 -2.47 -2.98
N LEU A 44 8.98 -2.37 -3.30
CA LEU A 44 7.91 -2.45 -2.31
C LEU A 44 7.17 -3.76 -2.47
N ARG A 45 6.57 -4.24 -1.41
CA ARG A 45 5.75 -5.44 -1.50
C ARG A 45 4.39 -5.23 -0.87
N LEU A 46 3.35 -5.54 -1.63
CA LEU A 46 1.97 -5.36 -1.20
C LEU A 46 1.55 -6.51 -0.30
N LYS A 47 1.06 -6.19 0.89
CA LYS A 47 0.70 -7.22 1.86
C LYS A 47 -0.77 -7.63 1.73
N LYS A 48 -1.00 -8.94 1.73
CA LYS A 48 -2.35 -9.50 1.67
C LYS A 48 -3.01 -9.26 0.32
N LYS A 49 -4.09 -9.99 0.05
CA LYS A 49 -4.85 -9.89 -1.21
C LYS A 49 -4.05 -10.49 -2.36
N GLU A 50 -2.85 -9.99 -2.58
CA GLU A 50 -1.93 -10.53 -3.55
C GLU A 50 -0.52 -10.50 -2.97
N LEU A 51 -0.25 -11.44 -2.06
CA LEU A 51 1.00 -11.44 -1.32
C LEU A 51 2.16 -11.96 -2.15
N PRO A 52 3.37 -11.47 -1.85
CA PRO A 52 4.60 -11.85 -2.53
C PRO A 52 5.38 -12.94 -1.79
N THR A 53 5.77 -13.98 -2.53
CA THR A 53 6.63 -15.04 -2.01
C THR A 53 5.86 -16.00 -1.09
N LYS A 54 5.89 -17.28 -1.46
CA LYS A 54 5.29 -18.32 -0.63
C LYS A 54 6.38 -19.05 0.14
N LYS A 55 6.07 -19.47 1.35
CA LYS A 55 7.05 -20.13 2.21
C LYS A 55 6.39 -21.16 3.12
N GLY A 56 7.20 -22.03 3.71
CA GLY A 56 6.70 -23.03 4.62
C GLY A 56 7.80 -23.53 5.53
ZN ZN B . 12.90 2.44 1.16
N MET A 1 -22.48 14.30 -1.87
CA MET A 1 -22.34 15.74 -1.55
C MET A 1 -20.92 16.21 -1.84
N PRO A 2 -20.75 17.50 -2.14
CA PRO A 2 -19.43 18.07 -2.47
C PRO A 2 -18.46 18.04 -1.29
N LEU A 3 -17.51 17.12 -1.36
CA LEU A 3 -16.48 17.00 -0.35
C LEU A 3 -15.11 17.22 -0.97
N THR A 4 -14.39 18.21 -0.48
CA THR A 4 -13.09 18.54 -1.03
C THR A 4 -11.98 17.81 -0.26
N ASP A 5 -11.67 16.60 -0.70
CA ASP A 5 -10.60 15.82 -0.10
C ASP A 5 -9.29 16.02 -0.84
N PRO A 6 -8.20 16.05 -0.08
CA PRO A 6 -6.84 16.26 -0.62
C PRO A 6 -6.20 14.96 -1.12
N ALA A 7 -6.82 13.83 -0.82
CA ALA A 7 -6.25 12.54 -1.11
C ALA A 7 -6.70 12.03 -2.46
N LYS A 8 -6.08 10.95 -2.91
CA LYS A 8 -6.47 10.31 -4.17
C LYS A 8 -7.16 8.99 -3.86
N LEU A 9 -7.23 8.11 -4.84
CA LEU A 9 -7.84 6.81 -4.65
C LEU A 9 -6.87 5.88 -3.92
N GLN A 10 -6.93 5.91 -2.59
CA GLN A 10 -6.19 4.95 -1.78
C GLN A 10 -7.13 3.92 -1.20
N ILE A 11 -6.57 3.03 -0.38
CA ILE A 11 -7.35 1.97 0.26
C ILE A 11 -8.11 2.49 1.47
N VAL A 12 -8.04 3.81 1.67
CA VAL A 12 -8.77 4.46 2.75
C VAL A 12 -10.17 4.83 2.27
N GLN A 13 -10.36 4.78 0.96
CA GLN A 13 -11.64 5.15 0.35
C GLN A 13 -12.20 3.99 -0.47
N GLN A 14 -11.52 3.68 -1.57
CA GLN A 14 -11.96 2.63 -2.47
C GLN A 14 -11.57 1.26 -1.90
N ARG A 15 -10.30 1.13 -1.55
CA ARG A 15 -9.76 -0.08 -0.93
C ARG A 15 -9.93 -1.31 -1.82
N VAL A 16 -8.92 -1.56 -2.64
CA VAL A 16 -8.92 -2.73 -3.51
C VAL A 16 -7.81 -3.68 -3.07
N PHE A 17 -6.57 -3.26 -3.28
CA PHE A 17 -5.41 -4.04 -2.87
C PHE A 17 -4.96 -3.62 -1.48
N LEU A 18 -3.72 -3.93 -1.16
CA LEU A 18 -3.10 -3.49 0.08
C LEU A 18 -1.95 -2.54 -0.24
N LYS A 19 -1.26 -2.07 0.78
CA LYS A 19 -0.13 -1.18 0.55
C LYS A 19 1.14 -1.97 0.28
N LYS A 20 2.10 -1.32 -0.34
CA LYS A 20 3.37 -1.91 -0.66
C LYS A 20 4.44 -1.46 0.33
N VAL A 21 5.18 -2.41 0.85
CA VAL A 21 6.22 -2.11 1.81
C VAL A 21 7.60 -2.27 1.17
N CYS A 22 8.41 -1.23 1.28
CA CYS A 22 9.78 -1.23 0.78
C CYS A 22 10.59 -2.34 1.44
N ARG A 23 11.33 -3.10 0.66
CA ARG A 23 12.18 -4.14 1.23
C ARG A 23 13.53 -3.59 1.64
N LYS A 24 13.73 -2.28 1.45
CA LYS A 24 14.95 -1.63 1.85
C LYS A 24 14.78 -1.01 3.24
N CYS A 25 13.72 -0.22 3.40
CA CYS A 25 13.43 0.41 4.69
C CYS A 25 12.43 -0.41 5.49
N GLY A 26 11.45 -0.92 4.77
CA GLY A 26 10.25 -1.42 5.43
C GLY A 26 9.18 -0.36 5.44
N ALA A 27 9.33 0.61 4.53
CA ALA A 27 8.41 1.74 4.44
C ALA A 27 7.22 1.38 3.57
N LEU A 28 6.04 1.47 4.15
CA LEU A 28 4.82 1.16 3.44
C LEU A 28 4.30 2.40 2.72
N ASN A 29 4.27 2.32 1.40
CA ASN A 29 3.88 3.47 0.59
C ASN A 29 2.48 3.26 0.05
N PRO A 30 1.78 4.34 -0.32
CA PRO A 30 0.45 4.22 -0.89
C PRO A 30 0.51 3.49 -2.23
N ILE A 31 -0.58 2.84 -2.58
CA ILE A 31 -0.67 2.10 -3.84
C ILE A 31 -0.51 3.05 -5.03
N ARG A 32 -0.61 4.34 -4.75
CA ARG A 32 -0.47 5.40 -5.76
C ARG A 32 0.99 5.77 -5.95
N ALA A 33 1.79 5.60 -4.89
CA ALA A 33 3.21 5.91 -4.94
C ALA A 33 3.93 4.86 -5.76
N THR A 34 4.63 5.29 -6.78
CA THR A 34 5.28 4.36 -7.67
C THR A 34 6.57 3.80 -7.05
N LYS A 35 7.05 4.43 -5.99
CA LYS A 35 8.24 3.97 -5.30
C LYS A 35 8.21 4.40 -3.84
N CYS A 36 9.24 4.00 -3.12
CA CYS A 36 9.40 4.35 -1.72
C CYS A 36 9.59 5.84 -1.54
N ARG A 37 8.81 6.44 -0.66
CA ARG A 37 8.96 7.86 -0.37
C ARG A 37 10.02 8.08 0.72
N ARG A 38 10.69 7.00 1.11
CA ARG A 38 11.73 7.07 2.13
C ARG A 38 13.12 7.03 1.48
N CYS A 39 13.33 6.11 0.53
CA CYS A 39 14.60 6.06 -0.19
C CYS A 39 14.41 6.22 -1.70
N HIS A 40 13.16 6.28 -2.16
CA HIS A 40 12.88 6.42 -3.57
C HIS A 40 13.43 5.23 -4.33
N SER A 41 12.80 4.11 -4.08
CA SER A 41 13.19 2.86 -4.66
C SER A 41 11.92 2.12 -4.97
N THR A 42 11.86 1.53 -6.14
CA THR A 42 10.67 0.86 -6.58
C THR A 42 10.70 -0.59 -6.10
N ASN A 43 11.55 -0.85 -5.12
CA ASN A 43 11.72 -2.17 -4.56
C ASN A 43 10.73 -2.36 -3.42
N LEU A 44 9.46 -2.24 -3.75
CA LEU A 44 8.38 -2.41 -2.80
C LEU A 44 7.67 -3.73 -3.03
N ARG A 45 7.03 -4.25 -2.00
CA ARG A 45 6.23 -5.46 -2.12
C ARG A 45 4.84 -5.22 -1.54
N LEU A 46 3.83 -5.39 -2.37
CA LEU A 46 2.45 -5.20 -1.94
C LEU A 46 1.99 -6.47 -1.21
N LYS A 47 1.44 -6.29 -0.01
CA LYS A 47 1.04 -7.41 0.81
C LYS A 47 -0.02 -8.25 0.12
N LYS A 48 0.08 -9.56 0.31
CA LYS A 48 -0.86 -10.50 -0.30
C LYS A 48 -2.27 -10.22 0.18
N LYS A 49 -3.20 -10.17 -0.77
CA LYS A 49 -4.61 -9.98 -0.45
C LYS A 49 -5.11 -11.11 0.45
N GLU A 50 -5.67 -10.72 1.59
CA GLU A 50 -6.10 -11.68 2.59
C GLU A 50 -7.33 -12.45 2.11
N LEU A 51 -8.32 -11.71 1.61
CA LEU A 51 -9.59 -12.28 1.14
C LEU A 51 -10.40 -12.90 2.29
N PRO A 52 -11.72 -13.04 2.10
CA PRO A 52 -12.58 -13.65 3.11
C PRO A 52 -12.29 -15.13 3.30
N THR A 53 -11.90 -15.50 4.51
CA THR A 53 -11.63 -16.89 4.83
C THR A 53 -12.95 -17.64 5.04
N LYS A 54 -13.32 -18.42 4.02
CA LYS A 54 -14.60 -19.10 3.96
C LYS A 54 -15.73 -18.09 3.76
N LYS A 55 -16.39 -18.18 2.62
CA LYS A 55 -17.42 -17.22 2.24
C LYS A 55 -18.65 -17.36 3.12
N GLY A 56 -19.07 -16.27 3.73
CA GLY A 56 -20.23 -16.29 4.58
C GLY A 56 -21.31 -15.35 4.07
ZN ZN B . 12.86 2.55 1.09
N MET A 1 -21.12 9.70 5.21
CA MET A 1 -21.92 9.89 3.99
C MET A 1 -21.83 8.65 3.10
N PRO A 2 -22.81 8.45 2.21
CA PRO A 2 -22.76 7.35 1.24
C PRO A 2 -21.58 7.53 0.29
N LEU A 3 -21.06 6.41 -0.21
CA LEU A 3 -19.88 6.44 -1.07
C LEU A 3 -20.20 6.90 -2.50
N THR A 4 -20.94 8.00 -2.59
CA THR A 4 -21.30 8.57 -3.87
C THR A 4 -20.25 9.60 -4.29
N ASP A 5 -19.45 10.04 -3.33
CA ASP A 5 -18.40 11.03 -3.60
C ASP A 5 -17.24 10.40 -4.35
N PRO A 6 -16.45 11.23 -5.05
CA PRO A 6 -15.37 10.76 -5.94
C PRO A 6 -14.12 10.29 -5.20
N ALA A 7 -14.27 10.00 -3.93
CA ALA A 7 -13.15 9.55 -3.12
C ALA A 7 -12.74 8.12 -3.45
N LYS A 8 -11.84 7.98 -4.41
CA LYS A 8 -11.21 6.69 -4.66
C LYS A 8 -10.18 6.42 -3.58
N LEU A 9 -9.33 7.41 -3.35
CA LEU A 9 -8.34 7.40 -2.29
C LEU A 9 -7.48 6.15 -2.33
N GLN A 10 -6.98 5.77 -1.16
CA GLN A 10 -6.20 4.56 -1.02
C GLN A 10 -7.10 3.34 -0.89
N ILE A 11 -6.48 2.19 -0.68
CA ILE A 11 -7.21 0.94 -0.61
C ILE A 11 -7.97 0.79 0.71
N VAL A 12 -7.82 1.79 1.58
CA VAL A 12 -8.37 1.73 2.93
C VAL A 12 -9.89 1.72 2.94
N GLN A 13 -10.50 2.18 1.84
CA GLN A 13 -11.95 2.23 1.75
C GLN A 13 -12.47 1.08 0.90
N GLN A 14 -12.47 -0.12 1.50
CA GLN A 14 -13.05 -1.32 0.87
C GLN A 14 -12.38 -1.67 -0.45
N ARG A 15 -11.08 -1.52 -0.54
CA ARG A 15 -10.36 -2.04 -1.70
C ARG A 15 -9.90 -3.45 -1.43
N VAL A 16 -9.88 -4.27 -2.48
CA VAL A 16 -9.49 -5.67 -2.33
C VAL A 16 -7.97 -5.82 -2.36
N PHE A 17 -7.26 -4.71 -2.60
CA PHE A 17 -5.80 -4.72 -2.61
C PHE A 17 -5.26 -4.06 -1.36
N LEU A 18 -3.94 -4.14 -1.19
CA LEU A 18 -3.27 -3.55 -0.04
C LEU A 18 -2.17 -2.59 -0.49
N LYS A 19 -1.44 -2.02 0.46
CA LYS A 19 -0.36 -1.09 0.15
C LYS A 19 0.93 -1.85 -0.17
N LYS A 20 1.89 -1.15 -0.75
CA LYS A 20 3.18 -1.75 -1.09
C LYS A 20 4.23 -1.39 -0.06
N VAL A 21 4.91 -2.39 0.45
CA VAL A 21 5.92 -2.18 1.46
C VAL A 21 7.32 -2.30 0.86
N CYS A 22 8.15 -1.29 1.09
CA CYS A 22 9.54 -1.30 0.67
C CYS A 22 10.28 -2.49 1.27
N ARG A 23 11.03 -3.20 0.43
CA ARG A 23 11.81 -4.34 0.92
C ARG A 23 13.14 -3.88 1.52
N LYS A 24 13.34 -2.57 1.59
CA LYS A 24 14.57 -2.01 2.12
C LYS A 24 14.32 -1.41 3.51
N CYS A 25 13.37 -0.49 3.60
CA CYS A 25 13.04 0.12 4.89
C CYS A 25 11.95 -0.66 5.57
N GLY A 26 11.09 -1.26 4.76
CA GLY A 26 9.83 -1.75 5.28
C GLY A 26 8.80 -0.63 5.27
N ALA A 27 9.09 0.38 4.48
CA ALA A 27 8.21 1.54 4.37
C ALA A 27 7.05 1.25 3.44
N LEU A 28 5.86 1.25 4.00
CA LEU A 28 4.66 1.03 3.21
C LEU A 28 4.28 2.33 2.52
N ASN A 29 4.25 2.31 1.20
CA ASN A 29 3.91 3.48 0.43
C ASN A 29 2.54 3.29 -0.18
N PRO A 30 1.82 4.38 -0.48
CA PRO A 30 0.48 4.28 -1.03
C PRO A 30 0.51 3.60 -2.38
N ILE A 31 -0.59 2.96 -2.74
CA ILE A 31 -0.71 2.28 -4.02
C ILE A 31 -0.57 3.29 -5.17
N ARG A 32 -0.67 4.57 -4.83
CA ARG A 32 -0.56 5.65 -5.80
C ARG A 32 0.90 6.06 -6.00
N ALA A 33 1.73 5.80 -5.00
CA ALA A 33 3.13 6.19 -5.05
C ALA A 33 3.91 5.28 -5.98
N THR A 34 4.83 5.85 -6.72
CA THR A 34 5.64 5.09 -7.64
C THR A 34 6.71 4.28 -6.92
N LYS A 35 7.33 4.88 -5.90
CA LYS A 35 8.41 4.23 -5.20
C LYS A 35 8.40 4.62 -3.73
N CYS A 36 9.37 4.09 -3.01
CA CYS A 36 9.51 4.37 -1.59
C CYS A 36 9.77 5.85 -1.35
N ARG A 37 8.99 6.46 -0.47
CA ARG A 37 9.20 7.86 -0.15
C ARG A 37 10.20 8.01 1.00
N ARG A 38 10.86 6.91 1.35
CA ARG A 38 11.90 6.91 2.37
C ARG A 38 13.29 6.83 1.74
N CYS A 39 13.48 5.88 0.81
CA CYS A 39 14.77 5.76 0.15
C CYS A 39 14.65 5.96 -1.36
N HIS A 40 13.41 6.05 -1.87
CA HIS A 40 13.18 6.27 -3.29
C HIS A 40 13.75 5.11 -4.07
N SER A 41 13.02 4.03 -4.01
CA SER A 41 13.38 2.81 -4.69
C SER A 41 12.09 2.09 -4.99
N THR A 42 11.98 1.57 -6.19
CA THR A 42 10.77 0.93 -6.63
C THR A 42 10.76 -0.53 -6.18
N ASN A 43 11.56 -0.81 -5.16
CA ASN A 43 11.66 -2.13 -4.58
C ASN A 43 10.58 -2.29 -3.53
N LEU A 44 9.35 -2.14 -3.97
CA LEU A 44 8.20 -2.30 -3.11
C LEU A 44 7.48 -3.59 -3.48
N ARG A 45 6.79 -4.16 -2.52
CA ARG A 45 5.97 -5.33 -2.76
C ARG A 45 4.60 -5.08 -2.18
N LEU A 46 3.58 -5.21 -3.00
CA LEU A 46 2.23 -4.96 -2.54
C LEU A 46 1.77 -6.09 -1.64
N LYS A 47 1.26 -5.70 -0.49
CA LYS A 47 0.88 -6.62 0.55
C LYS A 47 -0.12 -7.65 0.06
N LYS A 48 0.22 -8.91 0.26
CA LYS A 48 -0.64 -10.01 -0.15
C LYS A 48 -1.86 -10.06 0.74
N LYS A 49 -2.98 -10.40 0.14
CA LYS A 49 -4.25 -10.44 0.87
C LYS A 49 -4.44 -11.79 1.54
N GLU A 50 -4.27 -11.81 2.85
CA GLU A 50 -4.60 -13.01 3.63
C GLU A 50 -6.08 -13.04 3.91
N LEU A 51 -6.75 -14.04 3.38
CA LEU A 51 -8.20 -14.14 3.52
C LEU A 51 -8.55 -14.83 4.83
N PRO A 52 -9.67 -14.43 5.45
CA PRO A 52 -10.18 -15.05 6.66
C PRO A 52 -10.86 -16.37 6.36
N THR A 53 -11.06 -16.63 5.07
CA THR A 53 -11.69 -17.86 4.62
C THR A 53 -10.69 -18.71 3.85
N LYS A 54 -10.91 -20.01 3.84
CA LYS A 54 -10.02 -20.91 3.12
C LYS A 54 -10.62 -21.30 1.78
N LYS A 55 -9.82 -21.20 0.73
CA LYS A 55 -10.26 -21.59 -0.60
C LYS A 55 -9.28 -22.59 -1.19
N GLY A 56 -8.00 -22.36 -0.96
CA GLY A 56 -6.99 -23.27 -1.47
C GLY A 56 -6.43 -24.15 -0.37
ZN ZN B . 12.76 2.33 1.29
N MET A 1 1.37 17.17 -14.63
CA MET A 1 0.01 16.73 -14.25
C MET A 1 -0.73 17.86 -13.54
N PRO A 2 -2.02 18.02 -13.84
CA PRO A 2 -2.84 19.06 -13.22
C PRO A 2 -3.37 18.65 -11.84
N LEU A 3 -2.95 19.38 -10.81
CA LEU A 3 -3.41 19.10 -9.46
C LEU A 3 -4.80 19.67 -9.26
N THR A 4 -5.80 18.92 -9.69
CA THR A 4 -7.18 19.36 -9.66
C THR A 4 -7.84 19.08 -8.31
N ASP A 5 -7.60 17.88 -7.80
CA ASP A 5 -8.18 17.45 -6.53
C ASP A 5 -7.34 17.89 -5.34
N PRO A 6 -8.00 18.09 -4.19
CA PRO A 6 -7.34 18.51 -2.96
C PRO A 6 -6.58 17.37 -2.27
N ALA A 7 -6.96 16.14 -2.59
CA ALA A 7 -6.36 14.97 -1.98
C ALA A 7 -6.64 13.74 -2.84
N LYS A 8 -5.66 12.85 -2.92
CA LYS A 8 -5.80 11.63 -3.71
C LYS A 8 -6.51 10.55 -2.90
N LEU A 9 -7.29 9.73 -3.60
CA LEU A 9 -8.05 8.67 -2.96
C LEU A 9 -7.21 7.40 -2.84
N GLN A 10 -6.89 7.03 -1.61
CA GLN A 10 -6.14 5.81 -1.35
C GLN A 10 -7.08 4.68 -0.95
N ILE A 11 -6.50 3.58 -0.47
CA ILE A 11 -7.27 2.41 -0.06
C ILE A 11 -7.86 2.58 1.35
N VAL A 12 -7.69 3.77 1.91
CA VAL A 12 -8.20 4.07 3.24
C VAL A 12 -9.72 3.98 3.28
N GLN A 13 -10.22 3.03 4.09
CA GLN A 13 -11.65 2.78 4.25
C GLN A 13 -12.26 2.16 2.98
N GLN A 14 -13.08 1.13 3.18
CA GLN A 14 -13.78 0.42 2.09
C GLN A 14 -12.84 -0.52 1.33
N ARG A 15 -11.61 -0.08 1.08
CA ARG A 15 -10.65 -0.89 0.35
C ARG A 15 -9.95 -1.86 1.29
N VAL A 16 -10.17 -3.14 1.05
CA VAL A 16 -9.54 -4.20 1.85
C VAL A 16 -8.10 -4.41 1.37
N PHE A 17 -7.77 -3.77 0.26
CA PHE A 17 -6.44 -3.86 -0.31
C PHE A 17 -5.43 -3.15 0.58
N LEU A 18 -4.22 -3.67 0.63
CA LEU A 18 -3.19 -3.14 1.50
C LEU A 18 -2.18 -2.30 0.72
N LYS A 19 -1.19 -1.81 1.43
CA LYS A 19 -0.16 -0.95 0.84
C LYS A 19 1.08 -1.75 0.49
N LYS A 20 2.00 -1.09 -0.20
CA LYS A 20 3.26 -1.70 -0.59
C LYS A 20 4.38 -1.26 0.35
N VAL A 21 5.07 -2.24 0.91
CA VAL A 21 6.13 -1.95 1.85
C VAL A 21 7.50 -2.11 1.20
N CYS A 22 8.31 -1.08 1.34
CA CYS A 22 9.68 -1.11 0.84
C CYS A 22 10.47 -2.23 1.49
N ARG A 23 11.15 -3.04 0.68
CA ARG A 23 11.95 -4.14 1.21
C ARG A 23 13.21 -3.62 1.90
N LYS A 24 13.52 -2.35 1.70
CA LYS A 24 14.78 -1.78 2.16
C LYS A 24 14.59 -1.08 3.50
N CYS A 25 13.59 -0.21 3.60
CA CYS A 25 13.32 0.52 4.83
C CYS A 25 12.25 -0.18 5.64
N GLY A 26 11.29 -0.74 4.93
CA GLY A 26 10.05 -1.15 5.56
C GLY A 26 9.04 -0.03 5.48
N ALA A 27 9.29 0.91 4.58
CA ALA A 27 8.42 2.04 4.39
C ALA A 27 7.23 1.67 3.52
N LEU A 28 6.05 1.69 4.12
CA LEU A 28 4.83 1.36 3.40
C LEU A 28 4.33 2.59 2.66
N ASN A 29 4.33 2.53 1.35
CA ASN A 29 3.96 3.66 0.54
C ASN A 29 2.54 3.47 0.02
N PRO A 30 1.83 4.57 -0.29
CA PRO A 30 0.47 4.47 -0.81
C PRO A 30 0.45 3.72 -2.14
N ILE A 31 -0.68 3.12 -2.44
CA ILE A 31 -0.85 2.39 -3.68
C ILE A 31 -0.71 3.34 -4.88
N ARG A 32 -0.74 4.64 -4.60
CA ARG A 32 -0.59 5.67 -5.62
C ARG A 32 0.87 5.98 -5.88
N ALA A 33 1.72 5.70 -4.89
CA ALA A 33 3.13 6.01 -5.00
C ALA A 33 3.82 5.06 -5.95
N THR A 34 4.82 5.56 -6.65
CA THR A 34 5.52 4.76 -7.63
C THR A 34 6.69 4.03 -6.99
N LYS A 35 7.28 4.64 -5.99
CA LYS A 35 8.42 4.06 -5.31
C LYS A 35 8.41 4.47 -3.85
N CYS A 36 9.41 3.99 -3.14
CA CYS A 36 9.61 4.33 -1.75
C CYS A 36 9.86 5.82 -1.58
N ARG A 37 9.13 6.46 -0.68
CA ARG A 37 9.32 7.88 -0.43
C ARG A 37 10.40 8.11 0.62
N ARG A 38 11.15 7.06 0.93
CA ARG A 38 12.29 7.17 1.82
C ARG A 38 13.61 7.00 1.08
N CYS A 39 13.73 5.96 0.26
CA CYS A 39 14.96 5.74 -0.47
C CYS A 39 14.73 5.81 -1.98
N HIS A 40 13.47 5.95 -2.39
CA HIS A 40 13.14 6.10 -3.79
C HIS A 40 13.60 4.90 -4.59
N SER A 41 13.05 3.77 -4.23
CA SER A 41 13.35 2.50 -4.85
C SER A 41 12.04 1.81 -5.08
N THR A 42 11.83 1.33 -6.29
CA THR A 42 10.55 0.75 -6.65
C THR A 42 10.48 -0.72 -6.25
N ASN A 43 11.26 -1.06 -5.24
CA ASN A 43 11.29 -2.41 -4.70
C ASN A 43 10.35 -2.51 -3.52
N LEU A 44 9.09 -2.26 -3.79
CA LEU A 44 8.06 -2.35 -2.78
C LEU A 44 7.28 -3.63 -2.98
N ARG A 45 6.64 -4.11 -1.93
CA ARG A 45 5.78 -5.27 -2.05
C ARG A 45 4.46 -5.01 -1.34
N LEU A 46 3.38 -5.13 -2.09
CA LEU A 46 2.06 -4.95 -1.52
C LEU A 46 1.64 -6.24 -0.83
N LYS A 47 1.27 -6.14 0.44
CA LYS A 47 0.98 -7.31 1.26
C LYS A 47 -0.14 -8.14 0.64
N LYS A 48 0.12 -9.44 0.53
CA LYS A 48 -0.76 -10.37 -0.19
C LYS A 48 -2.18 -10.35 0.36
N LYS A 49 -3.14 -10.30 -0.55
CA LYS A 49 -4.54 -10.45 -0.17
C LYS A 49 -4.96 -11.90 -0.32
N GLU A 50 -4.99 -12.60 0.80
CA GLU A 50 -5.34 -14.00 0.82
C GLU A 50 -6.81 -14.16 1.14
N LEU A 51 -7.44 -15.14 0.50
CA LEU A 51 -8.85 -15.42 0.74
C LEU A 51 -9.06 -16.91 0.97
N PRO A 52 -10.13 -17.27 1.68
CA PRO A 52 -10.50 -18.66 1.90
C PRO A 52 -11.10 -19.27 0.64
N THR A 53 -10.70 -20.50 0.33
CA THR A 53 -11.19 -21.18 -0.85
C THR A 53 -12.72 -21.33 -0.81
N LYS A 54 -13.38 -20.71 -1.77
CA LYS A 54 -14.84 -20.70 -1.82
C LYS A 54 -15.37 -22.09 -2.17
N LYS A 55 -14.75 -22.73 -3.16
CA LYS A 55 -15.17 -24.05 -3.58
C LYS A 55 -14.42 -25.11 -2.78
N GLY A 56 -15.15 -25.86 -1.96
CA GLY A 56 -14.56 -26.95 -1.21
C GLY A 56 -14.83 -28.27 -1.89
ZN ZN B . 12.99 2.47 1.07
N MET A 1 6.10 18.42 4.87
CA MET A 1 5.15 19.42 4.34
C MET A 1 3.72 18.96 4.58
N PRO A 2 2.78 19.90 4.76
CA PRO A 2 1.37 19.58 4.97
C PRO A 2 0.67 19.15 3.69
N LEU A 3 -0.49 18.53 3.83
CA LEU A 3 -1.26 18.10 2.68
C LEU A 3 -2.76 18.24 2.97
N THR A 4 -3.37 19.26 2.39
CA THR A 4 -4.78 19.49 2.56
C THR A 4 -5.55 18.93 1.37
N ASP A 5 -6.01 17.70 1.51
CA ASP A 5 -6.77 17.05 0.45
C ASP A 5 -8.26 17.01 0.79
N PRO A 6 -9.09 17.03 -0.25
CA PRO A 6 -10.53 16.93 -0.11
C PRO A 6 -10.97 15.50 0.17
N ALA A 7 -10.17 14.55 -0.33
CA ALA A 7 -10.45 13.14 -0.16
C ALA A 7 -9.22 12.33 -0.55
N LYS A 8 -8.95 11.27 0.19
CA LYS A 8 -7.82 10.40 -0.12
C LYS A 8 -8.19 9.46 -1.27
N LEU A 9 -7.26 9.27 -2.18
CA LEU A 9 -7.49 8.42 -3.35
C LEU A 9 -6.85 7.05 -3.13
N GLN A 10 -6.68 6.71 -1.87
CA GLN A 10 -6.07 5.43 -1.50
C GLN A 10 -7.14 4.39 -1.19
N ILE A 11 -6.70 3.26 -0.67
CA ILE A 11 -7.59 2.15 -0.34
C ILE A 11 -8.36 2.43 0.95
N VAL A 12 -8.06 3.55 1.59
CA VAL A 12 -8.60 3.88 2.90
C VAL A 12 -10.11 4.12 2.87
N GLN A 13 -10.67 4.27 1.68
CA GLN A 13 -12.11 4.51 1.55
C GLN A 13 -12.90 3.28 2.01
N GLN A 14 -12.77 2.19 1.27
CA GLN A 14 -13.48 0.95 1.61
C GLN A 14 -12.75 -0.25 1.00
N ARG A 15 -11.52 -0.02 0.57
CA ARG A 15 -10.76 -1.07 -0.10
C ARG A 15 -9.96 -1.87 0.92
N VAL A 16 -10.28 -3.15 1.03
CA VAL A 16 -9.60 -4.03 1.97
C VAL A 16 -8.20 -4.38 1.49
N PHE A 17 -7.87 -3.94 0.28
CA PHE A 17 -6.55 -4.18 -0.30
C PHE A 17 -5.49 -3.45 0.50
N LEU A 18 -4.36 -4.12 0.72
CA LEU A 18 -3.30 -3.57 1.55
C LEU A 18 -2.37 -2.69 0.73
N LYS A 19 -1.36 -2.14 1.40
CA LYS A 19 -0.41 -1.24 0.77
C LYS A 19 0.89 -1.98 0.48
N LYS A 20 1.84 -1.28 -0.15
CA LYS A 20 3.13 -1.87 -0.50
C LYS A 20 4.16 -1.46 0.52
N VAL A 21 4.98 -2.41 0.93
CA VAL A 21 6.02 -2.12 1.88
C VAL A 21 7.40 -2.29 1.25
N CYS A 22 8.21 -1.24 1.36
CA CYS A 22 9.58 -1.22 0.87
C CYS A 22 10.39 -2.37 1.46
N ARG A 23 11.08 -3.12 0.60
CA ARG A 23 11.91 -4.23 1.09
C ARG A 23 13.26 -3.71 1.59
N LYS A 24 13.45 -2.40 1.55
CA LYS A 24 14.70 -1.79 1.99
C LYS A 24 14.52 -1.24 3.42
N CYS A 25 13.50 -0.41 3.62
CA CYS A 25 13.22 0.14 4.95
C CYS A 25 12.22 -0.74 5.66
N GLY A 26 11.20 -1.12 4.91
CA GLY A 26 9.96 -1.52 5.51
C GLY A 26 8.99 -0.36 5.48
N ALA A 27 9.27 0.58 4.58
CA ALA A 27 8.46 1.79 4.42
C ALA A 27 7.22 1.47 3.60
N LEU A 28 6.07 1.65 4.20
CA LEU A 28 4.82 1.36 3.53
C LEU A 28 4.38 2.57 2.71
N ASN A 29 4.19 2.36 1.42
CA ASN A 29 3.83 3.43 0.52
C ASN A 29 2.45 3.20 -0.03
N PRO A 30 1.73 4.26 -0.40
CA PRO A 30 0.40 4.13 -0.98
C PRO A 30 0.45 3.40 -2.31
N ILE A 31 -0.67 2.79 -2.69
CA ILE A 31 -0.76 2.04 -3.94
C ILE A 31 -0.54 2.95 -5.16
N ARG A 32 -0.60 4.26 -4.93
CA ARG A 32 -0.40 5.24 -5.98
C ARG A 32 1.09 5.57 -6.14
N ALA A 33 1.81 5.52 -5.03
CA ALA A 33 3.24 5.86 -5.02
C ALA A 33 4.01 4.87 -5.86
N THR A 34 4.82 5.38 -6.76
CA THR A 34 5.56 4.53 -7.66
C THR A 34 6.80 3.94 -6.98
N LYS A 35 7.27 4.58 -5.91
CA LYS A 35 8.46 4.12 -5.23
C LYS A 35 8.43 4.49 -3.75
N CYS A 36 9.47 4.06 -3.05
CA CYS A 36 9.59 4.30 -1.63
C CYS A 36 9.74 5.80 -1.35
N ARG A 37 8.99 6.30 -0.39
CA ARG A 37 9.09 7.69 0.02
C ARG A 37 10.30 7.92 0.93
N ARG A 38 11.09 6.87 1.14
CA ARG A 38 12.32 6.98 1.92
C ARG A 38 13.57 6.72 1.08
N CYS A 39 13.49 5.73 0.18
CA CYS A 39 14.61 5.43 -0.71
C CYS A 39 14.42 6.17 -2.01
N HIS A 40 13.16 6.26 -2.42
CA HIS A 40 12.81 6.59 -3.78
C HIS A 40 13.33 5.48 -4.67
N SER A 41 12.98 4.28 -4.24
CA SER A 41 13.38 3.05 -4.88
C SER A 41 12.11 2.24 -5.06
N THR A 42 11.93 1.70 -6.24
CA THR A 42 10.68 1.07 -6.58
C THR A 42 10.65 -0.39 -6.13
N ASN A 43 11.41 -0.67 -5.07
CA ASN A 43 11.50 -2.01 -4.54
C ASN A 43 10.50 -2.19 -3.40
N LEU A 44 9.23 -2.02 -3.73
CA LEU A 44 8.16 -2.18 -2.78
C LEU A 44 7.45 -3.50 -3.02
N ARG A 45 6.94 -4.10 -1.97
CA ARG A 45 6.20 -5.34 -2.09
C ARG A 45 4.76 -5.15 -1.64
N LEU A 46 3.83 -5.33 -2.57
CA LEU A 46 2.42 -5.18 -2.27
C LEU A 46 1.97 -6.36 -1.41
N LYS A 47 1.51 -6.05 -0.20
CA LYS A 47 1.09 -7.08 0.72
C LYS A 47 -0.17 -7.75 0.22
N LYS A 48 -0.05 -9.03 -0.13
CA LYS A 48 -1.18 -9.79 -0.64
C LYS A 48 -2.28 -9.85 0.39
N LYS A 49 -3.47 -9.40 0.01
CA LYS A 49 -4.60 -9.49 0.91
C LYS A 49 -5.30 -10.82 0.71
N GLU A 50 -4.70 -11.85 1.28
CA GLU A 50 -5.29 -13.17 1.26
C GLU A 50 -5.63 -13.56 2.69
N LEU A 51 -5.99 -14.82 2.90
CA LEU A 51 -6.30 -15.34 4.23
C LEU A 51 -7.53 -14.66 4.85
N PRO A 52 -8.10 -15.27 5.91
CA PRO A 52 -9.19 -14.67 6.67
C PRO A 52 -8.71 -13.51 7.54
N THR A 53 -9.10 -12.31 7.16
CA THR A 53 -8.69 -11.12 7.91
C THR A 53 -9.80 -10.65 8.84
N LYS A 54 -10.86 -10.11 8.27
CA LYS A 54 -12.00 -9.66 9.05
C LYS A 54 -13.24 -10.44 8.65
N LYS A 55 -13.25 -10.90 7.41
CA LYS A 55 -14.35 -11.72 6.92
C LYS A 55 -13.91 -13.16 6.81
N GLY A 56 -14.27 -13.95 7.81
CA GLY A 56 -13.88 -15.34 7.86
C GLY A 56 -13.59 -15.80 9.26
ZN ZN B . 12.84 2.38 1.45
N MET A 1 -12.70 8.32 9.31
CA MET A 1 -11.43 9.10 9.31
C MET A 1 -11.76 10.58 9.52
N PRO A 2 -10.79 11.35 10.05
CA PRO A 2 -10.97 12.79 10.25
C PRO A 2 -11.12 13.52 8.92
N LEU A 3 -11.99 14.52 8.89
CA LEU A 3 -12.25 15.26 7.66
C LEU A 3 -11.27 16.41 7.50
N THR A 4 -11.33 17.09 6.36
CA THR A 4 -10.38 18.15 6.02
C THR A 4 -8.98 17.56 5.90
N ASP A 5 -8.92 16.32 5.44
CA ASP A 5 -7.66 15.59 5.32
C ASP A 5 -6.87 16.04 4.10
N PRO A 6 -5.56 15.84 4.15
CA PRO A 6 -4.64 16.10 3.03
C PRO A 6 -4.52 14.89 2.11
N ALA A 7 -5.33 13.88 2.35
CA ALA A 7 -5.22 12.62 1.65
C ALA A 7 -5.92 12.66 0.29
N LYS A 8 -5.75 11.59 -0.46
CA LYS A 8 -6.35 11.46 -1.78
C LYS A 8 -7.16 10.17 -1.82
N LEU A 9 -7.52 9.72 -3.01
CA LEU A 9 -8.31 8.49 -3.16
C LEU A 9 -7.60 7.30 -2.53
N GLN A 10 -6.47 6.90 -3.10
CA GLN A 10 -5.72 5.73 -2.66
C GLN A 10 -6.64 4.52 -2.45
N ILE A 11 -6.83 4.12 -1.20
CA ILE A 11 -7.68 2.99 -0.86
C ILE A 11 -8.44 3.29 0.43
N VAL A 12 -8.39 4.53 0.87
CA VAL A 12 -8.99 4.92 2.14
C VAL A 12 -10.50 4.86 2.07
N GLN A 13 -11.06 4.00 2.94
CA GLN A 13 -12.50 3.79 3.04
C GLN A 13 -13.03 2.97 1.87
N GLN A 14 -13.85 1.97 2.17
CA GLN A 14 -14.43 1.05 1.19
C GLN A 14 -13.38 0.04 0.67
N ARG A 15 -12.20 0.53 0.32
CA ARG A 15 -11.16 -0.33 -0.22
C ARG A 15 -10.42 -1.05 0.89
N VAL A 16 -10.57 -2.37 0.93
CA VAL A 16 -9.91 -3.19 1.94
C VAL A 16 -8.61 -3.76 1.37
N PHE A 17 -8.11 -3.12 0.33
CA PHE A 17 -6.86 -3.52 -0.30
C PHE A 17 -5.68 -3.11 0.57
N LEU A 18 -4.56 -3.79 0.40
CA LEU A 18 -3.39 -3.51 1.21
C LEU A 18 -2.45 -2.57 0.48
N LYS A 19 -1.34 -2.24 1.14
CA LYS A 19 -0.38 -1.30 0.62
C LYS A 19 0.95 -1.99 0.37
N LYS A 20 1.87 -1.29 -0.29
CA LYS A 20 3.17 -1.85 -0.62
C LYS A 20 4.22 -1.44 0.40
N VAL A 21 4.98 -2.41 0.85
CA VAL A 21 6.02 -2.17 1.82
C VAL A 21 7.40 -2.28 1.16
N CYS A 22 8.21 -1.25 1.34
CA CYS A 22 9.58 -1.23 0.87
C CYS A 22 10.38 -2.36 1.49
N ARG A 23 11.05 -3.15 0.68
CA ARG A 23 11.86 -4.25 1.20
C ARG A 23 13.26 -3.75 1.60
N LYS A 24 13.45 -2.44 1.55
CA LYS A 24 14.69 -1.83 2.01
C LYS A 24 14.52 -1.22 3.40
N CYS A 25 13.44 -0.47 3.61
CA CYS A 25 13.16 0.13 4.92
C CYS A 25 12.14 -0.71 5.68
N GLY A 26 11.16 -1.20 4.95
CA GLY A 26 9.91 -1.58 5.56
C GLY A 26 8.96 -0.41 5.52
N ALA A 27 9.22 0.50 4.58
CA ALA A 27 8.42 1.71 4.42
C ALA A 27 7.22 1.44 3.54
N LEU A 28 6.05 1.54 4.13
CA LEU A 28 4.82 1.29 3.40
C LEU A 28 4.39 2.54 2.64
N ASN A 29 4.19 2.39 1.35
CA ASN A 29 3.82 3.49 0.49
C ASN A 29 2.43 3.26 -0.05
N PRO A 30 1.71 4.33 -0.43
CA PRO A 30 0.38 4.19 -1.00
C PRO A 30 0.45 3.47 -2.34
N ILE A 31 -0.64 2.82 -2.73
CA ILE A 31 -0.70 2.07 -3.99
C ILE A 31 -0.52 3.03 -5.17
N ARG A 32 -0.72 4.32 -4.92
CA ARG A 32 -0.57 5.34 -5.94
C ARG A 32 0.89 5.71 -6.12
N ALA A 33 1.67 5.55 -5.05
CA ALA A 33 3.09 5.88 -5.07
C ALA A 33 3.84 4.90 -5.95
N THR A 34 4.77 5.40 -6.73
CA THR A 34 5.49 4.56 -7.64
C THR A 34 6.73 3.96 -6.99
N LYS A 35 7.13 4.53 -5.86
CA LYS A 35 8.33 4.08 -5.18
C LYS A 35 8.32 4.44 -3.71
N CYS A 36 9.37 4.02 -3.03
CA CYS A 36 9.56 4.29 -1.62
C CYS A 36 9.73 5.78 -1.39
N ARG A 37 8.97 6.35 -0.47
CA ARG A 37 9.16 7.75 -0.12
C ARG A 37 10.27 7.91 0.91
N ARG A 38 11.10 6.86 1.04
CA ARG A 38 12.31 6.92 1.87
C ARG A 38 13.56 6.70 1.00
N CYS A 39 13.52 5.69 0.13
CA CYS A 39 14.65 5.39 -0.76
C CYS A 39 14.43 6.07 -2.09
N HIS A 40 13.16 6.03 -2.53
CA HIS A 40 12.81 6.35 -3.91
C HIS A 40 13.48 5.32 -4.82
N SER A 41 13.33 4.05 -4.44
CA SER A 41 14.06 2.96 -5.07
C SER A 41 13.12 2.05 -5.87
N THR A 42 11.84 2.40 -5.88
CA THR A 42 10.79 1.58 -6.52
C THR A 42 10.81 0.13 -6.00
N ASN A 43 11.42 -0.06 -4.83
CA ASN A 43 11.62 -1.41 -4.30
C ASN A 43 10.56 -1.71 -3.24
N LEU A 44 9.32 -1.87 -3.68
CA LEU A 44 8.20 -2.11 -2.78
C LEU A 44 7.53 -3.44 -3.14
N ARG A 45 6.85 -4.02 -2.16
CA ARG A 45 6.04 -5.21 -2.40
C ARG A 45 4.69 -5.05 -1.71
N LEU A 46 3.61 -5.26 -2.44
CA LEU A 46 2.29 -5.14 -1.85
C LEU A 46 1.98 -6.39 -1.05
N LYS A 47 1.59 -6.19 0.21
CA LYS A 47 1.36 -7.29 1.14
C LYS A 47 0.26 -8.22 0.66
N LYS A 48 0.37 -9.48 1.04
CA LYS A 48 -0.57 -10.51 0.61
C LYS A 48 -1.99 -10.21 1.06
N LYS A 49 -2.87 -10.01 0.10
CA LYS A 49 -4.29 -9.85 0.37
C LYS A 49 -4.97 -11.21 0.32
N GLU A 50 -5.51 -11.62 1.47
CA GLU A 50 -6.19 -12.90 1.57
C GLU A 50 -7.53 -12.86 0.83
N LEU A 51 -7.81 -13.94 0.11
CA LEU A 51 -9.05 -14.08 -0.63
C LEU A 51 -10.24 -14.20 0.33
N PRO A 52 -11.45 -13.89 -0.15
CA PRO A 52 -12.66 -13.97 0.66
C PRO A 52 -13.05 -15.42 0.94
N THR A 53 -12.81 -15.87 2.16
CA THR A 53 -13.22 -17.20 2.58
C THR A 53 -14.72 -17.20 2.84
N LYS A 54 -15.21 -16.09 3.36
CA LYS A 54 -16.63 -15.90 3.59
C LYS A 54 -17.31 -15.56 2.27
N LYS A 55 -18.46 -16.21 2.01
CA LYS A 55 -19.20 -16.05 0.76
C LYS A 55 -18.51 -16.78 -0.39
N GLY A 56 -17.46 -17.52 -0.05
CA GLY A 56 -16.75 -18.29 -1.05
C GLY A 56 -17.18 -19.74 -1.04
ZN ZN B . 12.86 2.36 1.41
N MET A 1 -6.36 17.82 -14.08
CA MET A 1 -5.35 17.02 -14.82
C MET A 1 -5.48 15.54 -14.48
N PRO A 2 -5.09 14.65 -15.40
CA PRO A 2 -5.12 13.20 -15.17
C PRO A 2 -4.15 12.79 -14.08
N LEU A 3 -3.09 13.56 -13.93
CA LEU A 3 -2.12 13.36 -12.87
C LEU A 3 -2.27 14.49 -11.85
N THR A 4 -2.10 14.16 -10.57
CA THR A 4 -2.32 15.10 -9.48
C THR A 4 -3.81 15.27 -9.21
N ASP A 5 -4.33 14.42 -8.35
CA ASP A 5 -5.72 14.48 -7.92
C ASP A 5 -5.83 15.30 -6.65
N PRO A 6 -7.02 15.88 -6.40
CA PRO A 6 -7.26 16.73 -5.23
C PRO A 6 -7.13 15.95 -3.92
N ALA A 7 -8.09 15.08 -3.66
CA ALA A 7 -8.05 14.24 -2.47
C ALA A 7 -7.76 12.80 -2.87
N LYS A 8 -6.62 12.29 -2.41
CA LYS A 8 -6.19 10.95 -2.80
C LYS A 8 -7.05 9.89 -2.13
N LEU A 9 -7.45 8.91 -2.91
CA LEU A 9 -8.30 7.83 -2.42
C LEU A 9 -7.46 6.57 -2.28
N GLN A 10 -7.19 6.17 -1.05
CA GLN A 10 -6.43 4.97 -0.78
C GLN A 10 -7.33 3.84 -0.30
N ILE A 11 -6.72 2.75 0.13
CA ILE A 11 -7.43 1.56 0.55
C ILE A 11 -7.95 1.68 1.98
N VAL A 12 -7.96 2.91 2.50
CA VAL A 12 -8.37 3.16 3.87
C VAL A 12 -9.84 2.79 4.12
N GLN A 13 -10.09 2.27 5.32
CA GLN A 13 -11.43 1.89 5.79
C GLN A 13 -11.93 0.64 5.07
N GLN A 14 -12.22 0.75 3.78
CA GLN A 14 -12.66 -0.40 3.01
C GLN A 14 -11.65 -0.66 1.90
N ARG A 15 -11.16 -1.89 1.81
CA ARG A 15 -10.11 -2.24 0.87
C ARG A 15 -10.27 -3.66 0.36
N VAL A 16 -9.95 -3.85 -0.91
CA VAL A 16 -9.94 -5.18 -1.50
C VAL A 16 -8.48 -5.62 -1.72
N PHE A 17 -7.57 -4.75 -1.31
CA PHE A 17 -6.13 -5.03 -1.36
C PHE A 17 -5.39 -4.11 -0.40
N LEU A 18 -4.10 -4.34 -0.23
CA LEU A 18 -3.33 -3.63 0.79
C LEU A 18 -2.28 -2.70 0.17
N LYS A 19 -1.50 -2.05 1.02
CA LYS A 19 -0.46 -1.13 0.59
C LYS A 19 0.81 -1.87 0.16
N LYS A 20 1.81 -1.11 -0.28
CA LYS A 20 3.09 -1.69 -0.67
C LYS A 20 4.15 -1.32 0.34
N VAL A 21 4.83 -2.32 0.85
CA VAL A 21 5.88 -2.09 1.82
C VAL A 21 7.25 -2.30 1.20
N CYS A 22 8.10 -1.30 1.32
CA CYS A 22 9.47 -1.35 0.83
C CYS A 22 10.21 -2.55 1.43
N ARG A 23 10.88 -3.30 0.58
CA ARG A 23 11.65 -4.46 1.03
C ARG A 23 13.00 -4.04 1.57
N LYS A 24 13.21 -2.74 1.68
CA LYS A 24 14.47 -2.19 2.17
C LYS A 24 14.30 -1.54 3.54
N CYS A 25 13.46 -0.51 3.58
CA CYS A 25 13.20 0.21 4.83
C CYS A 25 12.10 -0.47 5.60
N GLY A 26 11.15 -1.04 4.86
CA GLY A 26 9.91 -1.44 5.44
C GLY A 26 8.91 -0.30 5.43
N ALA A 27 9.17 0.66 4.55
CA ALA A 27 8.31 1.83 4.42
C ALA A 27 7.10 1.51 3.57
N LEU A 28 5.92 1.73 4.14
CA LEU A 28 4.68 1.44 3.46
C LEU A 28 4.21 2.65 2.66
N ASN A 29 4.17 2.50 1.35
CA ASN A 29 3.78 3.57 0.46
C ASN A 29 2.36 3.32 0.00
N PRO A 30 1.61 4.37 -0.36
CA PRO A 30 0.25 4.21 -0.84
C PRO A 30 0.24 3.50 -2.19
N ILE A 31 -0.88 2.87 -2.51
CA ILE A 31 -1.02 2.17 -3.77
C ILE A 31 -0.95 3.15 -4.95
N ARG A 32 -1.06 4.44 -4.62
CA ARG A 32 -0.97 5.51 -5.60
C ARG A 32 0.48 5.86 -5.92
N ALA A 33 1.36 5.64 -4.95
CA ALA A 33 2.76 6.01 -5.11
C ALA A 33 3.48 5.04 -6.01
N THR A 34 4.54 5.49 -6.64
CA THR A 34 5.30 4.67 -7.54
C THR A 34 6.39 3.90 -6.82
N LYS A 35 7.14 4.60 -5.95
CA LYS A 35 8.25 4.00 -5.28
C LYS A 35 8.31 4.44 -3.83
N CYS A 36 9.31 3.96 -3.14
CA CYS A 36 9.51 4.22 -1.74
C CYS A 36 9.72 5.71 -1.47
N ARG A 37 8.98 6.23 -0.51
CA ARG A 37 9.15 7.60 -0.07
C ARG A 37 10.22 7.70 1.02
N ARG A 38 11.04 6.66 1.12
CA ARG A 38 12.16 6.65 2.04
C ARG A 38 13.49 6.54 1.30
N CYS A 39 13.59 5.61 0.35
CA CYS A 39 14.84 5.43 -0.38
C CYS A 39 14.66 5.60 -1.88
N HIS A 40 13.39 5.65 -2.35
CA HIS A 40 13.11 5.88 -3.77
C HIS A 40 13.79 4.82 -4.63
N SER A 41 13.77 3.59 -4.17
CA SER A 41 14.52 2.51 -4.79
C SER A 41 13.61 1.62 -5.62
N THR A 42 12.35 2.05 -5.76
CA THR A 42 11.33 1.30 -6.50
C THR A 42 11.23 -0.16 -6.04
N ASN A 43 11.63 -0.41 -4.80
CA ASN A 43 11.62 -1.76 -4.25
C ASN A 43 10.55 -1.89 -3.19
N LEU A 44 9.32 -2.01 -3.64
CA LEU A 44 8.18 -2.18 -2.76
C LEU A 44 7.50 -3.50 -3.07
N ARG A 45 6.76 -4.03 -2.11
CA ARG A 45 5.98 -5.23 -2.34
C ARG A 45 4.53 -4.97 -1.96
N LEU A 46 3.67 -4.97 -2.96
CA LEU A 46 2.23 -4.83 -2.75
C LEU A 46 1.74 -6.00 -1.92
N LYS A 47 1.21 -5.72 -0.74
CA LYS A 47 0.73 -6.76 0.13
C LYS A 47 -0.51 -7.42 -0.46
N LYS A 48 -0.36 -8.71 -0.75
CA LYS A 48 -1.48 -9.52 -1.18
C LYS A 48 -2.45 -9.67 -0.01
N LYS A 49 -3.65 -10.16 -0.29
CA LYS A 49 -4.71 -10.19 0.71
C LYS A 49 -4.30 -10.99 1.93
N GLU A 50 -3.48 -12.02 1.72
CA GLU A 50 -2.83 -12.74 2.81
C GLU A 50 -3.83 -13.15 3.88
N LEU A 51 -4.62 -14.16 3.58
CA LEU A 51 -5.73 -14.55 4.45
C LEU A 51 -5.21 -15.24 5.71
N PRO A 52 -5.86 -14.97 6.84
CA PRO A 52 -5.49 -15.54 8.14
C PRO A 52 -5.99 -16.96 8.31
N THR A 53 -5.98 -17.44 9.55
CA THR A 53 -6.44 -18.77 9.88
C THR A 53 -5.53 -19.83 9.24
N LYS A 54 -4.48 -20.22 9.97
CA LYS A 54 -3.50 -21.17 9.47
C LYS A 54 -3.99 -22.61 9.63
N LYS A 55 -5.27 -22.74 9.98
CA LYS A 55 -5.86 -24.05 10.19
C LYS A 55 -7.06 -24.23 9.27
N GLY A 56 -6.96 -25.18 8.34
CA GLY A 56 -8.04 -25.43 7.42
C GLY A 56 -7.53 -25.66 6.02
ZN ZN B . 12.82 2.16 1.08
N MET A 1 -26.78 0.42 -6.90
CA MET A 1 -25.85 1.23 -7.73
C MET A 1 -24.40 0.84 -7.46
N PRO A 2 -23.55 0.84 -8.49
CA PRO A 2 -22.13 0.49 -8.35
C PRO A 2 -21.31 1.60 -7.72
N LEU A 3 -21.86 2.82 -7.76
CA LEU A 3 -21.20 4.01 -7.21
C LEU A 3 -20.01 4.43 -8.07
N THR A 4 -19.92 5.72 -8.35
CA THR A 4 -18.84 6.25 -9.17
C THR A 4 -18.54 7.70 -8.81
N ASP A 5 -17.45 7.89 -8.07
CA ASP A 5 -17.00 9.24 -7.74
C ASP A 5 -15.52 9.41 -8.07
N PRO A 6 -15.15 10.65 -8.39
CA PRO A 6 -13.77 11.01 -8.74
C PRO A 6 -12.89 11.28 -7.53
N ALA A 7 -13.43 11.08 -6.33
CA ALA A 7 -12.73 11.47 -5.12
C ALA A 7 -12.01 10.30 -4.47
N LYS A 8 -12.00 9.19 -5.17
CA LYS A 8 -11.22 8.04 -4.79
C LYS A 8 -9.72 8.33 -4.91
N LEU A 9 -8.97 7.87 -3.92
CA LEU A 9 -7.53 8.07 -3.87
C LEU A 9 -6.83 6.80 -3.41
N GLN A 10 -7.01 6.47 -2.13
CA GLN A 10 -6.40 5.27 -1.57
C GLN A 10 -7.45 4.25 -1.20
N ILE A 11 -7.00 3.17 -0.57
CA ILE A 11 -7.85 2.01 -0.26
C ILE A 11 -8.60 2.18 1.07
N VAL A 12 -8.56 3.37 1.63
CA VAL A 12 -9.13 3.62 2.96
C VAL A 12 -10.61 3.27 3.05
N GLN A 13 -11.36 3.50 1.97
CA GLN A 13 -12.80 3.27 1.98
C GLN A 13 -13.12 1.80 1.75
N GLN A 14 -12.93 1.34 0.51
CA GLN A 14 -13.23 -0.04 0.16
C GLN A 14 -12.01 -0.70 -0.48
N ARG A 15 -11.66 -1.87 0.02
CA ARG A 15 -10.49 -2.59 -0.47
C ARG A 15 -10.55 -4.06 -0.12
N VAL A 16 -9.74 -4.84 -0.81
CA VAL A 16 -9.57 -6.26 -0.50
C VAL A 16 -8.09 -6.57 -0.36
N PHE A 17 -7.26 -5.54 -0.46
CA PHE A 17 -5.83 -5.69 -0.32
C PHE A 17 -5.27 -4.68 0.69
N LEU A 18 -3.96 -4.58 0.73
CA LEU A 18 -3.27 -3.67 1.63
C LEU A 18 -2.37 -2.72 0.83
N LYS A 19 -1.65 -1.87 1.54
CA LYS A 19 -0.69 -0.97 0.90
C LYS A 19 0.62 -1.71 0.60
N LYS A 20 1.59 -1.00 0.02
CA LYS A 20 2.88 -1.61 -0.31
C LYS A 20 3.91 -1.24 0.74
N VAL A 21 4.82 -2.16 1.01
CA VAL A 21 5.90 -1.90 1.94
C VAL A 21 7.26 -2.15 1.28
N CYS A 22 8.13 -1.17 1.38
CA CYS A 22 9.49 -1.27 0.87
C CYS A 22 10.23 -2.43 1.49
N ARG A 23 10.87 -3.24 0.65
CA ARG A 23 11.64 -4.37 1.18
C ARG A 23 13.01 -3.92 1.65
N LYS A 24 13.31 -2.64 1.46
CA LYS A 24 14.59 -2.07 1.86
C LYS A 24 14.47 -1.47 3.26
N CYS A 25 13.56 -0.51 3.41
CA CYS A 25 13.36 0.15 4.68
C CYS A 25 12.31 -0.57 5.50
N GLY A 26 11.28 -1.01 4.80
CA GLY A 26 10.06 -1.40 5.46
C GLY A 26 9.07 -0.25 5.45
N ALA A 27 9.36 0.73 4.60
CA ALA A 27 8.52 1.91 4.49
C ALA A 27 7.29 1.62 3.64
N LEU A 28 6.13 1.82 4.23
CA LEU A 28 4.88 1.55 3.55
C LEU A 28 4.45 2.76 2.75
N ASN A 29 4.16 2.54 1.47
CA ASN A 29 3.80 3.61 0.57
C ASN A 29 2.42 3.35 0.00
N PRO A 30 1.70 4.41 -0.41
CA PRO A 30 0.36 4.26 -0.96
C PRO A 30 0.37 3.48 -2.27
N ILE A 31 -0.77 2.92 -2.61
CA ILE A 31 -0.91 2.18 -3.87
C ILE A 31 -0.67 3.09 -5.07
N ARG A 32 -0.76 4.40 -4.83
CA ARG A 32 -0.53 5.41 -5.86
C ARG A 32 0.96 5.65 -6.09
N ALA A 33 1.72 5.70 -4.99
CA ALA A 33 3.14 6.02 -5.06
C ALA A 33 3.88 5.00 -5.90
N THR A 34 4.74 5.48 -6.77
CA THR A 34 5.43 4.60 -7.69
C THR A 34 6.64 3.94 -7.03
N LYS A 35 7.10 4.52 -5.93
CA LYS A 35 8.22 3.96 -5.22
C LYS A 35 8.23 4.36 -3.76
N CYS A 36 9.30 3.98 -3.09
CA CYS A 36 9.52 4.30 -1.70
C CYS A 36 9.77 5.78 -1.51
N ARG A 37 9.04 6.39 -0.58
CA ARG A 37 9.27 7.79 -0.27
C ARG A 37 10.35 7.94 0.80
N ARG A 38 11.12 6.87 1.00
CA ARG A 38 12.27 6.90 1.87
C ARG A 38 13.56 6.77 1.07
N CYS A 39 13.66 5.74 0.24
CA CYS A 39 14.90 5.51 -0.51
C CYS A 39 14.68 5.62 -2.02
N HIS A 40 13.41 5.69 -2.45
CA HIS A 40 13.09 5.91 -3.86
C HIS A 40 13.73 4.84 -4.74
N SER A 41 13.67 3.60 -4.27
CA SER A 41 14.39 2.51 -4.91
C SER A 41 13.44 1.60 -5.66
N THR A 42 12.20 2.08 -5.83
CA THR A 42 11.17 1.38 -6.60
C THR A 42 11.03 -0.09 -6.23
N ASN A 43 11.29 -0.40 -4.97
CA ASN A 43 11.22 -1.78 -4.52
C ASN A 43 10.25 -1.92 -3.35
N LEU A 44 8.98 -1.92 -3.67
CA LEU A 44 7.92 -2.08 -2.69
C LEU A 44 7.19 -3.38 -2.95
N ARG A 45 6.66 -3.98 -1.90
CA ARG A 45 5.89 -5.21 -2.05
C ARG A 45 4.46 -4.96 -1.57
N LEU A 46 3.51 -5.22 -2.45
CA LEU A 46 2.11 -5.03 -2.12
C LEU A 46 1.66 -6.14 -1.19
N LYS A 47 1.22 -5.77 0.00
CA LYS A 47 0.82 -6.75 1.01
C LYS A 47 -0.49 -7.41 0.60
N LYS A 48 -0.37 -8.55 -0.07
CA LYS A 48 -1.51 -9.26 -0.62
C LYS A 48 -2.30 -9.97 0.47
N LYS A 49 -3.59 -9.66 0.54
CA LYS A 49 -4.50 -10.35 1.43
C LYS A 49 -4.88 -11.70 0.83
N GLU A 50 -3.95 -12.63 0.86
CA GLU A 50 -4.15 -13.93 0.25
C GLU A 50 -4.27 -15.01 1.30
N LEU A 51 -5.49 -15.50 1.49
CA LEU A 51 -5.72 -16.61 2.39
C LEU A 51 -5.87 -17.90 1.59
N PRO A 52 -5.59 -19.05 2.21
CA PRO A 52 -5.71 -20.34 1.55
C PRO A 52 -7.16 -20.81 1.45
N THR A 53 -8.04 -19.89 1.12
CA THR A 53 -9.46 -20.17 1.00
C THR A 53 -9.74 -21.10 -0.17
N LYS A 54 -10.14 -22.32 0.16
CA LYS A 54 -10.53 -23.31 -0.84
C LYS A 54 -11.95 -23.78 -0.52
N LYS A 55 -12.53 -23.17 0.50
CA LYS A 55 -13.84 -23.58 0.99
C LYS A 55 -14.87 -22.48 0.71
N GLY A 56 -14.40 -21.29 0.38
CA GLY A 56 -15.28 -20.18 0.16
C GLY A 56 -15.53 -19.94 -1.32
ZN ZN B . 12.88 2.24 1.02
N MET A 1 -20.58 7.22 1.79
CA MET A 1 -19.96 8.54 2.06
C MET A 1 -20.62 9.61 1.19
N PRO A 2 -20.67 10.86 1.69
CA PRO A 2 -21.32 11.96 0.98
C PRO A 2 -20.60 12.32 -0.32
N LEU A 3 -19.29 12.37 -0.26
CA LEU A 3 -18.49 12.69 -1.44
C LEU A 3 -17.56 11.53 -1.77
N THR A 4 -17.75 10.95 -2.94
CA THR A 4 -16.90 9.88 -3.42
C THR A 4 -16.60 10.07 -4.90
N ASP A 5 -15.50 10.75 -5.19
CA ASP A 5 -15.09 10.97 -6.56
C ASP A 5 -14.19 9.83 -7.04
N PRO A 6 -14.06 9.67 -8.37
CA PRO A 6 -13.33 8.54 -8.96
C PRO A 6 -11.84 8.49 -8.58
N ALA A 7 -11.33 9.57 -8.00
CA ALA A 7 -9.95 9.60 -7.52
C ALA A 7 -9.88 9.05 -6.11
N LYS A 8 -9.54 7.78 -5.99
CA LYS A 8 -9.53 7.11 -4.70
C LYS A 8 -8.27 7.48 -3.93
N LEU A 9 -8.43 7.76 -2.65
CA LEU A 9 -7.31 8.16 -1.81
C LEU A 9 -6.92 7.04 -0.86
N GLN A 10 -6.14 6.11 -1.40
CA GLN A 10 -5.58 4.99 -0.64
C GLN A 10 -6.65 4.07 -0.05
N ILE A 11 -6.19 3.16 0.79
CA ILE A 11 -7.05 2.15 1.38
C ILE A 11 -7.38 2.48 2.83
N VAL A 12 -7.01 3.70 3.23
CA VAL A 12 -7.29 4.17 4.59
C VAL A 12 -8.78 4.15 4.89
N GLN A 13 -9.11 4.09 6.17
CA GLN A 13 -10.50 3.96 6.62
C GLN A 13 -11.06 2.60 6.21
N GLN A 14 -10.15 1.63 6.07
CA GLN A 14 -10.48 0.23 5.78
C GLN A 14 -10.98 0.05 4.34
N ARG A 15 -10.13 -0.56 3.51
CA ARG A 15 -10.49 -0.90 2.14
C ARG A 15 -10.31 -2.39 1.88
N VAL A 16 -10.49 -2.81 0.64
CA VAL A 16 -10.39 -4.22 0.29
C VAL A 16 -8.97 -4.60 -0.13
N PHE A 17 -8.05 -3.64 -0.06
CA PHE A 17 -6.67 -3.88 -0.43
C PHE A 17 -5.74 -3.33 0.66
N LEU A 18 -4.44 -3.57 0.48
CA LEU A 18 -3.45 -3.11 1.46
C LEU A 18 -2.40 -2.24 0.78
N LYS A 19 -1.42 -1.79 1.55
CA LYS A 19 -0.38 -0.93 1.03
C LYS A 19 0.85 -1.72 0.62
N LYS A 20 1.83 -1.04 0.03
CA LYS A 20 3.08 -1.67 -0.37
C LYS A 20 4.19 -1.25 0.57
N VAL A 21 4.89 -2.21 1.11
CA VAL A 21 5.96 -1.93 2.03
C VAL A 21 7.32 -2.18 1.37
N CYS A 22 8.16 -1.17 1.41
CA CYS A 22 9.51 -1.26 0.88
C CYS A 22 10.26 -2.40 1.55
N ARG A 23 10.93 -3.23 0.75
CA ARG A 23 11.66 -4.35 1.31
C ARG A 23 13.08 -3.93 1.69
N LYS A 24 13.37 -2.64 1.49
CA LYS A 24 14.64 -2.06 1.88
C LYS A 24 14.53 -1.39 3.26
N CYS A 25 13.58 -0.46 3.38
CA CYS A 25 13.39 0.26 4.63
C CYS A 25 12.32 -0.42 5.48
N GLY A 26 11.31 -0.93 4.80
CA GLY A 26 10.09 -1.32 5.47
C GLY A 26 9.09 -0.19 5.43
N ALA A 27 9.33 0.76 4.54
CA ALA A 27 8.50 1.95 4.41
C ALA A 27 7.27 1.65 3.57
N LEU A 28 6.11 1.86 4.15
CA LEU A 28 4.86 1.60 3.48
C LEU A 28 4.45 2.81 2.68
N ASN A 29 4.26 2.62 1.40
CA ASN A 29 3.89 3.70 0.51
C ASN A 29 2.46 3.47 0.04
N PRO A 30 1.75 4.53 -0.37
CA PRO A 30 0.40 4.39 -0.86
C PRO A 30 0.38 3.57 -2.13
N ILE A 31 -0.74 2.91 -2.39
CA ILE A 31 -0.89 2.11 -3.60
C ILE A 31 -0.81 2.98 -4.84
N ARG A 32 -0.90 4.29 -4.63
CA ARG A 32 -0.82 5.27 -5.70
C ARG A 32 0.63 5.66 -6.00
N ALA A 33 1.51 5.41 -5.04
CA ALA A 33 2.90 5.83 -5.16
C ALA A 33 3.67 4.89 -6.06
N THR A 34 4.62 5.43 -6.79
CA THR A 34 5.37 4.67 -7.75
C THR A 34 6.60 4.03 -7.13
N LYS A 35 7.06 4.58 -6.00
CA LYS A 35 8.20 4.03 -5.33
C LYS A 35 8.23 4.45 -3.86
N CYS A 36 9.28 3.99 -3.19
CA CYS A 36 9.52 4.29 -1.80
C CYS A 36 9.73 5.77 -1.57
N ARG A 37 9.04 6.33 -0.61
CA ARG A 37 9.25 7.72 -0.24
C ARG A 37 10.40 7.87 0.74
N ARG A 38 11.08 6.77 1.03
CA ARG A 38 12.24 6.79 1.93
C ARG A 38 13.55 6.66 1.16
N CYS A 39 13.62 5.73 0.21
CA CYS A 39 14.86 5.54 -0.58
C CYS A 39 14.62 5.69 -2.07
N HIS A 40 13.35 5.80 -2.48
CA HIS A 40 13.01 6.04 -3.88
C HIS A 40 13.63 4.98 -4.80
N SER A 41 13.64 3.74 -4.32
CA SER A 41 14.37 2.67 -5.01
C SER A 41 13.40 1.72 -5.72
N THR A 42 12.13 2.11 -5.76
CA THR A 42 11.07 1.35 -6.41
C THR A 42 11.02 -0.11 -5.94
N ASN A 43 11.48 -0.36 -4.72
CA ASN A 43 11.56 -1.73 -4.22
C ASN A 43 10.53 -1.95 -3.11
N LEU A 44 9.28 -2.04 -3.52
CA LEU A 44 8.17 -2.21 -2.59
C LEU A 44 7.56 -3.60 -2.77
N ARG A 45 6.79 -4.04 -1.79
CA ARG A 45 6.01 -5.26 -1.92
C ARG A 45 4.57 -5.01 -1.47
N LEU A 46 3.64 -5.23 -2.38
CA LEU A 46 2.22 -5.06 -2.08
C LEU A 46 1.74 -6.24 -1.25
N LYS A 47 1.22 -5.94 -0.06
CA LYS A 47 0.72 -6.98 0.82
C LYS A 47 -0.51 -7.65 0.19
N LYS A 48 -0.30 -8.87 -0.28
CA LYS A 48 -1.31 -9.59 -1.04
C LYS A 48 -2.49 -9.98 -0.15
N LYS A 49 -3.68 -10.03 -0.73
CA LYS A 49 -4.88 -10.39 0.01
C LYS A 49 -4.93 -11.90 0.26
N GLU A 50 -4.26 -12.31 1.33
CA GLU A 50 -4.26 -13.71 1.77
C GLU A 50 -5.66 -14.10 2.22
N LEU A 51 -6.28 -13.22 3.00
CA LEU A 51 -7.66 -13.41 3.40
C LEU A 51 -8.59 -12.69 2.45
N PRO A 52 -9.80 -13.19 2.26
CA PRO A 52 -10.76 -12.63 1.32
C PRO A 52 -11.49 -11.41 1.87
N THR A 53 -12.70 -11.18 1.38
CA THR A 53 -13.50 -10.05 1.81
C THR A 53 -14.49 -10.46 2.91
N LYS A 54 -15.46 -11.29 2.54
CA LYS A 54 -16.52 -11.67 3.47
C LYS A 54 -16.45 -13.16 3.80
N LYS A 55 -15.68 -13.90 3.01
CA LYS A 55 -15.54 -15.34 3.22
C LYS A 55 -14.38 -15.64 4.18
N GLY A 56 -14.02 -14.65 4.98
CA GLY A 56 -12.93 -14.81 5.91
C GLY A 56 -13.31 -14.34 7.30
ZN ZN B . 12.91 2.26 0.91
N MET A 1 -7.85 2.01 13.51
CA MET A 1 -6.90 2.34 12.42
C MET A 1 -6.04 3.53 12.81
N PRO A 2 -4.77 3.56 12.37
CA PRO A 2 -3.88 4.69 12.59
C PRO A 2 -4.18 5.82 11.61
N LEU A 3 -4.37 7.02 12.14
CA LEU A 3 -4.79 8.14 11.32
C LEU A 3 -4.36 9.47 11.95
N THR A 4 -3.52 10.21 11.24
CA THR A 4 -3.12 11.53 11.67
C THR A 4 -3.82 12.59 10.81
N ASP A 5 -3.61 12.50 9.50
CA ASP A 5 -4.27 13.39 8.56
C ASP A 5 -5.46 12.67 7.95
N PRO A 6 -6.38 13.41 7.28
CA PRO A 6 -7.62 12.84 6.71
C PRO A 6 -7.36 11.72 5.71
N ALA A 7 -6.11 11.62 5.26
CA ALA A 7 -5.68 10.61 4.30
C ALA A 7 -6.23 10.89 2.91
N LYS A 8 -5.61 10.27 1.92
CA LYS A 8 -6.00 10.46 0.54
C LYS A 8 -6.69 9.20 0.03
N LEU A 9 -6.91 9.12 -1.28
CA LEU A 9 -7.55 7.96 -1.89
C LEU A 9 -6.67 6.71 -1.75
N GLN A 10 -6.93 5.96 -0.68
CA GLN A 10 -6.22 4.73 -0.43
C GLN A 10 -7.18 3.58 -0.19
N ILE A 11 -6.63 2.46 0.23
CA ILE A 11 -7.41 1.25 0.44
C ILE A 11 -7.87 1.12 1.89
N VAL A 12 -7.65 2.18 2.66
CA VAL A 12 -7.89 2.20 4.12
C VAL A 12 -9.37 2.11 4.52
N GLN A 13 -10.05 1.11 3.99
CA GLN A 13 -11.40 0.75 4.40
C GLN A 13 -11.53 -0.75 4.32
N GLN A 14 -11.59 -1.23 3.09
CA GLN A 14 -11.53 -2.64 2.78
C GLN A 14 -11.55 -2.77 1.25
N ARG A 15 -10.39 -2.61 0.63
CA ARG A 15 -10.30 -2.69 -0.81
C ARG A 15 -9.71 -4.02 -1.24
N VAL A 16 -9.67 -4.24 -2.55
CA VAL A 16 -9.20 -5.50 -3.11
C VAL A 16 -7.68 -5.51 -3.21
N PHE A 17 -7.06 -4.43 -2.76
CA PHE A 17 -5.60 -4.32 -2.78
C PHE A 17 -5.08 -3.93 -1.40
N LEU A 18 -3.80 -4.15 -1.19
CA LEU A 18 -3.13 -3.76 0.04
C LEU A 18 -1.98 -2.82 -0.28
N LYS A 19 -1.25 -2.42 0.74
CA LYS A 19 -0.15 -1.47 0.56
C LYS A 19 1.15 -2.21 0.24
N LYS A 20 2.08 -1.46 -0.32
CA LYS A 20 3.38 -1.99 -0.69
C LYS A 20 4.43 -1.56 0.31
N VAL A 21 5.16 -2.52 0.83
CA VAL A 21 6.19 -2.24 1.80
C VAL A 21 7.57 -2.32 1.16
N CYS A 22 8.34 -1.26 1.30
CA CYS A 22 9.70 -1.21 0.81
C CYS A 22 10.55 -2.31 1.43
N ARG A 23 11.37 -2.96 0.62
CA ARG A 23 12.24 -4.03 1.10
C ARG A 23 13.53 -3.45 1.69
N LYS A 24 13.70 -2.14 1.59
CA LYS A 24 14.90 -1.49 2.07
C LYS A 24 14.66 -0.92 3.46
N CYS A 25 13.63 -0.09 3.59
CA CYS A 25 13.33 0.55 4.86
C CYS A 25 12.28 -0.26 5.61
N GLY A 26 11.41 -0.91 4.85
CA GLY A 26 10.18 -1.41 5.41
C GLY A 26 9.13 -0.33 5.37
N ALA A 27 9.35 0.64 4.49
CA ALA A 27 8.46 1.78 4.34
C ALA A 27 7.24 1.41 3.52
N LEU A 28 6.09 1.44 4.14
CA LEU A 28 4.85 1.13 3.46
C LEU A 28 4.36 2.36 2.71
N ASN A 29 4.22 2.22 1.40
CA ASN A 29 3.80 3.31 0.55
C ASN A 29 2.38 3.05 0.09
N PRO A 30 1.64 4.09 -0.29
CA PRO A 30 0.28 3.93 -0.78
C PRO A 30 0.28 3.26 -2.15
N ILE A 31 -0.84 2.65 -2.50
CA ILE A 31 -0.99 1.98 -3.79
C ILE A 31 -0.82 2.98 -4.94
N ARG A 32 -0.88 4.27 -4.62
CA ARG A 32 -0.75 5.33 -5.62
C ARG A 32 0.71 5.74 -5.82
N ALA A 33 1.55 5.42 -4.86
CA ALA A 33 2.96 5.80 -4.92
C ALA A 33 3.68 4.96 -5.96
N THR A 34 4.62 5.57 -6.65
CA THR A 34 5.39 4.88 -7.66
C THR A 34 6.58 4.14 -7.04
N LYS A 35 7.07 4.67 -5.93
CA LYS A 35 8.19 4.05 -5.25
C LYS A 35 8.21 4.45 -3.79
N CYS A 36 9.25 4.02 -3.10
CA CYS A 36 9.45 4.32 -1.69
C CYS A 36 9.58 5.81 -1.47
N ARG A 37 8.78 6.33 -0.57
CA ARG A 37 8.85 7.75 -0.20
C ARG A 37 9.95 8.00 0.82
N ARG A 38 10.81 7.01 1.01
CA ARG A 38 11.96 7.17 1.92
C ARG A 38 13.28 7.04 1.18
N CYS A 39 13.41 6.05 0.30
CA CYS A 39 14.68 5.86 -0.41
C CYS A 39 14.50 5.89 -1.93
N HIS A 40 13.24 5.94 -2.40
CA HIS A 40 12.97 6.11 -3.84
C HIS A 40 13.68 5.05 -4.67
N SER A 41 13.65 3.82 -4.19
CA SER A 41 14.44 2.75 -4.80
C SER A 41 13.56 1.81 -5.63
N THR A 42 12.29 2.20 -5.77
CA THR A 42 11.29 1.41 -6.53
C THR A 42 11.24 -0.05 -6.09
N ASN A 43 11.73 -0.33 -4.89
CA ASN A 43 11.76 -1.70 -4.38
C ASN A 43 10.73 -1.87 -3.28
N LEU A 44 9.49 -2.01 -3.69
CA LEU A 44 8.38 -2.23 -2.77
C LEU A 44 7.77 -3.59 -3.04
N ARG A 45 7.04 -4.12 -2.08
CA ARG A 45 6.27 -5.34 -2.29
C ARG A 45 4.87 -5.19 -1.70
N LEU A 46 3.87 -5.32 -2.56
CA LEU A 46 2.49 -5.19 -2.14
C LEU A 46 2.02 -6.47 -1.46
N LYS A 47 1.48 -6.32 -0.27
CA LYS A 47 1.06 -7.47 0.53
C LYS A 47 -0.09 -8.22 -0.13
N LYS A 48 -0.13 -9.52 0.09
CA LYS A 48 -1.16 -10.36 -0.50
C LYS A 48 -2.48 -10.16 0.23
N LYS A 49 -3.58 -10.33 -0.49
CA LYS A 49 -4.90 -10.10 0.08
C LYS A 49 -5.33 -11.25 0.98
N GLU A 50 -6.22 -10.94 1.91
CA GLU A 50 -6.72 -11.92 2.87
C GLU A 50 -7.71 -12.87 2.19
N LEU A 51 -8.29 -13.74 3.01
CA LEU A 51 -9.25 -14.72 2.51
C LEU A 51 -10.65 -14.11 2.46
N PRO A 52 -11.52 -14.67 1.61
CA PRO A 52 -12.90 -14.22 1.50
C PRO A 52 -13.67 -14.40 2.80
N THR A 53 -14.64 -13.52 3.04
CA THR A 53 -15.44 -13.58 4.24
C THR A 53 -16.56 -14.61 4.09
N LYS A 54 -16.75 -15.43 5.12
CA LYS A 54 -17.82 -16.43 5.10
C LYS A 54 -19.18 -15.75 5.18
N LYS A 55 -19.99 -15.96 4.16
CA LYS A 55 -21.31 -15.35 4.08
C LYS A 55 -22.36 -16.41 3.76
N GLY A 56 -23.59 -16.16 4.19
CA GLY A 56 -24.66 -17.11 3.96
C GLY A 56 -25.86 -16.80 4.83
ZN ZN B . 12.84 2.51 1.17
N MET A 1 -0.88 18.57 1.37
CA MET A 1 -0.67 17.69 2.53
C MET A 1 -1.95 16.92 2.85
N PRO A 2 -1.83 15.72 3.43
CA PRO A 2 -2.99 14.91 3.81
C PRO A 2 -3.74 15.52 4.99
N LEU A 3 -4.94 15.00 5.25
CA LEU A 3 -5.82 15.47 6.33
C LEU A 3 -6.50 16.78 5.95
N THR A 4 -5.76 17.66 5.29
CA THR A 4 -6.31 18.89 4.75
C THR A 4 -6.88 18.65 3.35
N ASP A 5 -7.02 17.37 3.01
CA ASP A 5 -7.58 16.98 1.72
C ASP A 5 -9.09 17.09 1.73
N PRO A 6 -9.68 17.27 0.54
CA PRO A 6 -11.13 17.34 0.38
C PRO A 6 -11.80 15.98 0.50
N ALA A 7 -11.05 14.94 0.12
CA ALA A 7 -11.54 13.58 0.14
C ALA A 7 -10.36 12.63 0.03
N LYS A 8 -10.47 11.47 0.66
CA LYS A 8 -9.38 10.51 0.69
C LYS A 8 -9.44 9.59 -0.51
N LEU A 9 -8.29 9.33 -1.12
CA LEU A 9 -8.22 8.46 -2.28
C LEU A 9 -7.48 7.18 -1.92
N GLN A 10 -7.07 7.08 -0.66
CA GLN A 10 -6.28 5.95 -0.19
C GLN A 10 -7.14 5.01 0.65
N ILE A 11 -6.56 3.88 1.00
CA ILE A 11 -7.27 2.83 1.72
C ILE A 11 -7.27 3.09 3.22
N VAL A 12 -6.52 4.12 3.63
CA VAL A 12 -6.26 4.40 5.05
C VAL A 12 -7.54 4.50 5.88
N GLN A 13 -8.58 5.11 5.34
CA GLN A 13 -9.81 5.29 6.10
C GLN A 13 -10.55 3.98 6.23
N GLN A 14 -11.05 3.46 5.11
CA GLN A 14 -11.81 2.21 5.11
C GLN A 14 -11.81 1.57 3.74
N ARG A 15 -10.82 0.72 3.48
CA ARG A 15 -10.77 -0.06 2.26
C ARG A 15 -10.20 -1.45 2.53
N VAL A 16 -10.59 -2.42 1.71
CA VAL A 16 -10.19 -3.81 1.92
C VAL A 16 -8.79 -4.08 1.38
N PHE A 17 -8.15 -3.06 0.86
CA PHE A 17 -6.80 -3.19 0.32
C PHE A 17 -5.79 -2.64 1.34
N LEU A 18 -4.57 -3.13 1.27
CA LEU A 18 -3.53 -2.70 2.19
C LEU A 18 -2.43 -1.95 1.43
N LYS A 19 -1.42 -1.51 2.15
CA LYS A 19 -0.34 -0.72 1.56
C LYS A 19 0.84 -1.60 1.16
N LYS A 20 1.85 -0.98 0.57
CA LYS A 20 3.04 -1.69 0.15
C LYS A 20 4.23 -1.25 0.99
N VAL A 21 5.00 -2.21 1.45
CA VAL A 21 6.14 -1.90 2.29
C VAL A 21 7.45 -2.10 1.54
N CYS A 22 8.30 -1.09 1.58
CA CYS A 22 9.64 -1.19 1.02
C CYS A 22 10.44 -2.26 1.73
N ARG A 23 10.97 -3.21 0.98
CA ARG A 23 11.74 -4.28 1.59
C ARG A 23 13.14 -3.79 1.97
N LYS A 24 13.39 -2.50 1.73
CA LYS A 24 14.69 -1.90 2.03
C LYS A 24 14.64 -1.10 3.32
N CYS A 25 13.66 -0.20 3.43
CA CYS A 25 13.51 0.62 4.63
C CYS A 25 12.51 0.00 5.57
N GLY A 26 11.51 -0.65 4.99
CA GLY A 26 10.32 -0.99 5.73
C GLY A 26 9.34 0.16 5.66
N ALA A 27 9.51 0.98 4.63
CA ALA A 27 8.68 2.16 4.44
C ALA A 27 7.42 1.79 3.69
N LEU A 28 6.29 1.98 4.35
CA LEU A 28 5.01 1.67 3.75
C LEU A 28 4.52 2.85 2.92
N ASN A 29 4.37 2.62 1.63
CA ASN A 29 3.96 3.67 0.73
C ASN A 29 2.52 3.41 0.28
N PRO A 30 1.80 4.47 -0.13
CA PRO A 30 0.41 4.31 -0.53
C PRO A 30 0.29 3.46 -1.78
N ILE A 31 -0.88 2.86 -1.95
CA ILE A 31 -1.18 2.07 -3.13
C ILE A 31 -1.07 2.91 -4.40
N ARG A 32 -1.10 4.23 -4.20
CA ARG A 32 -1.02 5.20 -5.29
C ARG A 32 0.43 5.44 -5.72
N ALA A 33 1.37 5.22 -4.81
CA ALA A 33 2.78 5.51 -5.06
C ALA A 33 3.39 4.47 -5.97
N THR A 34 4.34 4.89 -6.77
CA THR A 34 5.02 3.99 -7.69
C THR A 34 6.20 3.29 -6.99
N LYS A 35 6.83 3.98 -6.06
CA LYS A 35 7.98 3.43 -5.37
C LYS A 35 8.09 4.00 -3.97
N CYS A 36 9.16 3.62 -3.28
CA CYS A 36 9.43 4.08 -1.94
C CYS A 36 9.71 5.57 -1.92
N ARG A 37 9.03 6.28 -1.05
CA ARG A 37 9.25 7.71 -0.90
C ARG A 37 10.31 7.97 0.16
N ARG A 38 11.09 6.94 0.48
CA ARG A 38 12.24 7.07 1.38
C ARG A 38 13.55 6.89 0.63
N CYS A 39 13.63 5.85 -0.19
CA CYS A 39 14.84 5.62 -0.98
C CYS A 39 14.56 5.64 -2.48
N HIS A 40 13.28 5.72 -2.87
CA HIS A 40 12.91 5.72 -4.27
C HIS A 40 13.39 4.46 -4.94
N SER A 41 12.71 3.38 -4.63
CA SER A 41 13.02 2.09 -5.15
C SER A 41 11.72 1.33 -5.23
N THR A 42 11.50 0.67 -6.34
CA THR A 42 10.25 -0.02 -6.58
C THR A 42 10.26 -1.40 -5.98
N ASN A 43 11.05 -1.55 -4.92
CA ASN A 43 11.15 -2.81 -4.20
C ASN A 43 10.17 -2.80 -3.02
N LEU A 44 8.91 -2.62 -3.36
CA LEU A 44 7.85 -2.64 -2.36
C LEU A 44 7.06 -3.93 -2.49
N ARG A 45 6.40 -4.33 -1.42
CA ARG A 45 5.52 -5.49 -1.47
C ARG A 45 4.17 -5.15 -0.88
N LEU A 46 3.12 -5.38 -1.66
CA LEU A 46 1.76 -5.12 -1.23
C LEU A 46 1.36 -6.13 -0.14
N LYS A 47 0.82 -5.61 0.95
CA LYS A 47 0.52 -6.44 2.12
C LYS A 47 -0.60 -7.46 1.87
N LYS A 48 -0.18 -8.71 1.72
CA LYS A 48 -1.07 -9.88 1.77
C LYS A 48 -1.97 -10.04 0.54
N LYS A 49 -2.50 -8.94 0.02
CA LYS A 49 -3.43 -8.99 -1.10
C LYS A 49 -2.70 -9.36 -2.39
N GLU A 50 -2.46 -10.65 -2.59
CA GLU A 50 -1.83 -11.14 -3.80
C GLU A 50 -2.83 -11.94 -4.63
N LEU A 51 -3.31 -13.04 -4.05
CA LEU A 51 -4.27 -13.89 -4.74
C LEU A 51 -5.71 -13.48 -4.44
N PRO A 52 -6.65 -13.86 -5.30
CA PRO A 52 -8.07 -13.64 -5.08
C PRO A 52 -8.70 -14.77 -4.27
N THR A 53 -9.88 -14.51 -3.73
CA THR A 53 -10.59 -15.51 -2.95
C THR A 53 -11.31 -16.50 -3.86
N LYS A 54 -11.07 -17.79 -3.66
CA LYS A 54 -11.71 -18.82 -4.44
C LYS A 54 -13.16 -18.99 -4.00
N LYS A 55 -14.05 -19.18 -4.98
CA LYS A 55 -15.49 -19.26 -4.76
C LYS A 55 -16.06 -17.92 -4.31
N GLY A 56 -15.66 -17.48 -3.12
CA GLY A 56 -16.17 -16.24 -2.58
C GLY A 56 -17.45 -16.47 -1.80
ZN ZN B . 12.97 2.39 0.80
N MET A 1 6.20 5.41 14.42
CA MET A 1 6.82 6.59 13.77
C MET A 1 6.34 7.88 14.43
N PRO A 2 7.24 8.85 14.58
CA PRO A 2 6.92 10.13 15.25
C PRO A 2 6.09 11.05 14.36
N LEU A 3 6.13 10.79 13.06
CA LEU A 3 5.38 11.58 12.12
C LEU A 3 4.46 10.68 11.28
N THR A 4 3.17 10.91 11.42
CA THR A 4 2.19 10.17 10.65
C THR A 4 1.46 11.14 9.73
N ASP A 5 1.68 11.00 8.42
CA ASP A 5 1.09 11.92 7.46
C ASP A 5 -0.41 11.72 7.34
N PRO A 6 -1.13 12.85 7.32
CA PRO A 6 -2.61 12.89 7.29
C PRO A 6 -3.17 12.84 5.87
N ALA A 7 -2.33 12.43 4.94
CA ALA A 7 -2.70 12.40 3.53
C ALA A 7 -3.89 11.47 3.28
N LYS A 8 -4.89 11.99 2.59
CA LYS A 8 -6.06 11.22 2.22
C LYS A 8 -5.88 10.63 0.81
N LEU A 9 -6.99 10.28 0.15
CA LEU A 9 -6.95 9.73 -1.20
C LEU A 9 -6.32 8.34 -1.18
N GLN A 10 -6.41 7.70 -0.02
CA GLN A 10 -5.82 6.39 0.18
C GLN A 10 -6.85 5.40 0.69
N ILE A 11 -6.36 4.21 1.01
CA ILE A 11 -7.20 3.10 1.44
C ILE A 11 -7.44 3.14 2.95
N VAL A 12 -6.80 4.11 3.60
CA VAL A 12 -6.77 4.20 5.06
C VAL A 12 -8.17 4.28 5.69
N GLN A 13 -9.10 4.98 5.04
CA GLN A 13 -10.43 5.15 5.59
C GLN A 13 -11.27 3.89 5.40
N GLN A 14 -11.16 3.30 4.21
CA GLN A 14 -11.91 2.09 3.89
C GLN A 14 -11.39 1.48 2.59
N ARG A 15 -11.03 0.21 2.65
CA ARG A 15 -10.63 -0.54 1.47
C ARG A 15 -10.44 -2.01 1.81
N VAL A 16 -10.45 -2.85 0.79
CA VAL A 16 -10.17 -4.26 0.98
C VAL A 16 -8.68 -4.53 0.78
N PHE A 17 -8.03 -3.63 0.04
CA PHE A 17 -6.61 -3.75 -0.25
C PHE A 17 -5.77 -3.05 0.82
N LEU A 18 -4.48 -3.33 0.83
CA LEU A 18 -3.58 -2.78 1.82
C LEU A 18 -2.46 -1.98 1.16
N LYS A 19 -1.56 -1.47 1.98
CA LYS A 19 -0.45 -0.67 1.48
C LYS A 19 0.76 -1.55 1.13
N LYS A 20 1.69 -0.96 0.42
CA LYS A 20 2.93 -1.62 0.04
C LYS A 20 4.07 -1.18 0.94
N VAL A 21 4.73 -2.13 1.55
CA VAL A 21 5.84 -1.83 2.43
C VAL A 21 7.16 -2.15 1.75
N CYS A 22 7.99 -1.14 1.68
CA CYS A 22 9.32 -1.26 1.12
C CYS A 22 10.15 -2.32 1.84
N ARG A 23 10.78 -3.19 1.06
CA ARG A 23 11.63 -4.21 1.64
C ARG A 23 13.06 -3.71 1.84
N LYS A 24 13.26 -2.40 1.65
CA LYS A 24 14.59 -1.81 1.76
C LYS A 24 14.72 -1.15 3.12
N CYS A 25 13.79 -0.26 3.42
CA CYS A 25 13.73 0.33 4.72
C CYS A 25 12.58 -0.26 5.53
N GLY A 26 11.43 -0.34 4.90
CA GLY A 26 10.22 -0.76 5.58
C GLY A 26 9.17 0.32 5.52
N ALA A 27 9.40 1.28 4.63
CA ALA A 27 8.47 2.37 4.41
C ALA A 27 7.21 1.89 3.72
N LEU A 28 6.09 2.04 4.40
CA LEU A 28 4.81 1.69 3.82
C LEU A 28 4.31 2.85 2.98
N ASN A 29 4.33 2.69 1.67
CA ASN A 29 3.98 3.76 0.77
C ASN A 29 2.54 3.61 0.34
N PRO A 30 1.88 4.70 -0.05
CA PRO A 30 0.49 4.64 -0.47
C PRO A 30 0.34 3.80 -1.73
N ILE A 31 -0.83 3.24 -1.91
CA ILE A 31 -1.15 2.48 -3.11
C ILE A 31 -1.03 3.38 -4.35
N ARG A 32 -1.09 4.69 -4.09
CA ARG A 32 -0.97 5.71 -5.13
C ARG A 32 0.48 5.89 -5.57
N ALA A 33 1.41 5.75 -4.63
CA ALA A 33 2.82 5.94 -4.92
C ALA A 33 3.33 4.82 -5.80
N THR A 34 4.30 5.11 -6.64
CA THR A 34 4.83 4.10 -7.53
C THR A 34 5.90 3.28 -6.83
N LYS A 35 6.76 3.95 -6.08
CA LYS A 35 7.85 3.30 -5.40
C LYS A 35 8.03 3.88 -4.01
N CYS A 36 9.10 3.48 -3.36
CA CYS A 36 9.40 3.97 -2.04
C CYS A 36 9.68 5.45 -2.08
N ARG A 37 9.00 6.22 -1.26
CA ARG A 37 9.28 7.65 -1.20
C ARG A 37 10.44 7.95 -0.26
N ARG A 38 11.12 6.89 0.19
CA ARG A 38 12.30 7.01 1.04
C ARG A 38 13.56 6.58 0.28
N CYS A 39 13.49 5.45 -0.42
CA CYS A 39 14.65 4.94 -1.18
C CYS A 39 14.46 5.24 -2.65
N HIS A 40 13.20 5.22 -3.10
CA HIS A 40 12.88 5.29 -4.53
C HIS A 40 13.54 4.13 -5.27
N SER A 41 13.39 2.92 -4.73
CA SER A 41 14.09 1.76 -5.27
C SER A 41 13.08 0.73 -5.83
N THR A 42 11.83 1.18 -5.97
CA THR A 42 10.72 0.36 -6.50
C THR A 42 10.62 -1.01 -5.82
N ASN A 43 11.15 -1.13 -4.60
CA ASN A 43 11.12 -2.38 -3.87
C ASN A 43 10.08 -2.34 -2.76
N LEU A 44 8.83 -2.48 -3.15
CA LEU A 44 7.73 -2.48 -2.19
C LEU A 44 6.99 -3.80 -2.28
N ARG A 45 6.34 -4.18 -1.21
CA ARG A 45 5.49 -5.36 -1.22
C ARG A 45 4.17 -5.05 -0.54
N LEU A 46 3.08 -5.22 -1.27
CA LEU A 46 1.76 -4.95 -0.72
C LEU A 46 1.33 -6.13 0.15
N LYS A 47 0.85 -5.81 1.34
CA LYS A 47 0.55 -6.81 2.36
C LYS A 47 -0.61 -7.71 1.94
N LYS A 48 -0.27 -8.97 1.66
CA LYS A 48 -1.26 -10.00 1.33
C LYS A 48 -2.02 -9.67 0.04
N LYS A 49 -3.09 -10.44 -0.21
CA LYS A 49 -3.96 -10.27 -1.39
C LYS A 49 -3.26 -10.74 -2.67
N GLU A 50 -1.96 -10.51 -2.77
CA GLU A 50 -1.17 -10.96 -3.90
C GLU A 50 -1.15 -12.49 -3.96
N LEU A 51 -1.17 -13.11 -2.78
CA LEU A 51 -1.21 -14.56 -2.68
C LEU A 51 -2.65 -15.05 -2.74
N PRO A 52 -2.85 -16.35 -3.03
CA PRO A 52 -4.19 -16.95 -3.10
C PRO A 52 -4.98 -16.77 -1.80
N THR A 53 -6.17 -16.23 -1.92
CA THR A 53 -7.04 -16.01 -0.77
C THR A 53 -7.93 -17.24 -0.54
N LYS A 54 -8.20 -17.97 -1.61
CA LYS A 54 -9.01 -19.16 -1.54
C LYS A 54 -8.40 -20.28 -2.38
N LYS A 55 -8.34 -21.48 -1.82
CA LYS A 55 -7.85 -22.64 -2.55
C LYS A 55 -8.88 -23.75 -2.51
N GLY A 56 -9.01 -24.47 -3.62
CA GLY A 56 -9.93 -25.58 -3.69
C GLY A 56 -10.37 -25.85 -5.11
ZN ZN B . 12.49 2.29 1.28
N MET A 1 1.97 13.58 13.53
CA MET A 1 2.12 14.70 12.57
C MET A 1 1.48 14.33 11.24
N PRO A 2 0.89 15.32 10.55
CA PRO A 2 0.26 15.10 9.24
C PRO A 2 1.29 15.08 8.11
N LEU A 3 0.81 14.94 6.89
CA LEU A 3 1.68 14.94 5.72
C LEU A 3 1.54 16.25 4.96
N THR A 4 2.23 16.35 3.82
CA THR A 4 2.11 17.51 2.96
C THR A 4 0.70 17.65 2.42
N ASP A 5 0.22 16.58 1.79
CA ASP A 5 -1.17 16.49 1.38
C ASP A 5 -1.89 15.52 2.31
N PRO A 6 -3.23 15.59 2.39
CA PRO A 6 -4.01 14.81 3.36
C PRO A 6 -3.68 13.32 3.33
N ALA A 7 -3.70 12.74 2.13
CA ALA A 7 -3.37 11.33 1.95
C ALA A 7 -3.37 10.96 0.47
N LYS A 8 -3.29 11.98 -0.40
CA LYS A 8 -3.52 11.81 -1.83
C LYS A 8 -4.88 11.13 -2.11
N LEU A 9 -4.92 9.82 -1.94
CA LEU A 9 -6.10 9.01 -2.14
C LEU A 9 -5.72 7.56 -1.86
N GLN A 10 -6.17 7.02 -0.74
CA GLN A 10 -5.70 5.71 -0.31
C GLN A 10 -6.83 4.77 0.05
N ILE A 11 -6.42 3.58 0.45
CA ILE A 11 -7.35 2.49 0.72
C ILE A 11 -7.95 2.61 2.12
N VAL A 12 -7.44 3.56 2.90
CA VAL A 12 -7.83 3.72 4.29
C VAL A 12 -9.27 4.21 4.44
N GLN A 13 -9.91 4.53 3.31
CA GLN A 13 -11.30 4.97 3.35
C GLN A 13 -12.22 3.77 3.54
N GLN A 14 -12.37 2.96 2.50
CA GLN A 14 -13.21 1.77 2.58
C GLN A 14 -12.69 0.65 1.69
N ARG A 15 -11.42 0.73 1.33
CA ARG A 15 -10.84 -0.26 0.44
C ARG A 15 -10.24 -1.40 1.25
N VAL A 16 -10.71 -2.62 0.97
CA VAL A 16 -10.29 -3.81 1.70
C VAL A 16 -8.93 -4.32 1.23
N PHE A 17 -8.10 -3.42 0.71
CA PHE A 17 -6.80 -3.79 0.19
C PHE A 17 -5.71 -3.35 1.15
N LEU A 18 -4.46 -3.61 0.78
CA LEU A 18 -3.32 -3.27 1.61
C LEU A 18 -2.39 -2.34 0.86
N LYS A 19 -1.29 -1.96 1.51
CA LYS A 19 -0.33 -1.03 0.93
C LYS A 19 0.94 -1.76 0.51
N LYS A 20 1.85 -1.05 -0.14
CA LYS A 20 3.09 -1.64 -0.61
C LYS A 20 4.22 -1.28 0.35
N VAL A 21 4.89 -2.28 0.84
CA VAL A 21 5.94 -2.07 1.81
C VAL A 21 7.31 -2.18 1.16
N CYS A 22 8.12 -1.15 1.33
CA CYS A 22 9.49 -1.16 0.88
C CYS A 22 10.25 -2.32 1.51
N ARG A 23 10.95 -3.07 0.69
CA ARG A 23 11.71 -4.21 1.17
C ARG A 23 13.03 -3.78 1.80
N LYS A 24 13.32 -2.48 1.71
CA LYS A 24 14.59 -1.93 2.20
C LYS A 24 14.41 -1.27 3.57
N CYS A 25 13.38 -0.44 3.71
CA CYS A 25 13.06 0.15 5.02
C CYS A 25 12.03 -0.70 5.72
N GLY A 26 11.01 -1.06 4.95
CA GLY A 26 9.76 -1.45 5.51
C GLY A 26 8.77 -0.31 5.40
N ALA A 27 9.13 0.66 4.57
CA ALA A 27 8.33 1.85 4.36
C ALA A 27 7.12 1.54 3.50
N LEU A 28 5.96 1.57 4.11
CA LEU A 28 4.72 1.31 3.41
C LEU A 28 4.27 2.57 2.70
N ASN A 29 4.28 2.53 1.37
CA ASN A 29 3.93 3.68 0.59
C ASN A 29 2.51 3.53 0.07
N PRO A 30 1.84 4.64 -0.29
CA PRO A 30 0.48 4.57 -0.80
C PRO A 30 0.43 3.77 -2.08
N ILE A 31 -0.72 3.18 -2.35
CA ILE A 31 -0.91 2.37 -3.54
C ILE A 31 -0.68 3.18 -4.82
N ARG A 32 -0.66 4.49 -4.68
CA ARG A 32 -0.49 5.39 -5.82
C ARG A 32 0.96 5.78 -6.02
N ALA A 33 1.78 5.55 -5.01
CA ALA A 33 3.19 5.93 -5.06
C ALA A 33 3.94 5.01 -5.99
N THR A 34 4.93 5.56 -6.66
CA THR A 34 5.70 4.80 -7.63
C THR A 34 6.83 4.03 -6.95
N LYS A 35 7.43 4.64 -5.95
CA LYS A 35 8.57 4.06 -5.29
C LYS A 35 8.55 4.38 -3.81
N CYS A 36 9.60 3.98 -3.12
CA CYS A 36 9.74 4.27 -1.71
C CYS A 36 9.98 5.76 -1.55
N ARG A 37 9.25 6.42 -0.68
CA ARG A 37 9.49 7.84 -0.45
C ARG A 37 10.56 8.04 0.61
N ARG A 38 11.29 6.96 0.92
CA ARG A 38 12.46 7.01 1.79
C ARG A 38 13.75 6.66 1.03
N CYS A 39 13.68 5.63 0.19
CA CYS A 39 14.84 5.26 -0.64
C CYS A 39 14.72 5.96 -1.98
N HIS A 40 13.47 6.08 -2.43
CA HIS A 40 13.17 6.40 -3.81
C HIS A 40 13.66 5.27 -4.67
N SER A 41 13.20 4.09 -4.28
CA SER A 41 13.57 2.85 -4.88
C SER A 41 12.29 2.09 -5.11
N THR A 42 12.09 1.62 -6.31
CA THR A 42 10.84 1.00 -6.68
C THR A 42 10.80 -0.46 -6.22
N ASN A 43 11.38 -0.70 -5.05
CA ASN A 43 11.46 -2.03 -4.48
C ASN A 43 10.42 -2.20 -3.38
N LEU A 44 9.17 -2.05 -3.76
CA LEU A 44 8.07 -2.22 -2.84
C LEU A 44 7.36 -3.54 -3.13
N ARG A 45 6.57 -4.01 -2.19
CA ARG A 45 5.73 -5.17 -2.42
C ARG A 45 4.35 -4.94 -1.84
N LEU A 46 3.34 -5.17 -2.66
CA LEU A 46 1.95 -4.99 -2.24
C LEU A 46 1.52 -6.21 -1.44
N LYS A 47 1.19 -5.99 -0.17
CA LYS A 47 0.78 -7.08 0.70
C LYS A 47 -0.54 -7.64 0.24
N LYS A 48 -0.59 -8.95 0.06
CA LYS A 48 -1.75 -9.62 -0.49
C LYS A 48 -2.74 -9.95 0.63
N LYS A 49 -4.00 -10.13 0.25
CA LYS A 49 -5.06 -10.43 1.21
C LYS A 49 -5.14 -11.94 1.46
N GLU A 50 -4.19 -12.68 0.90
CA GLU A 50 -4.14 -14.12 1.09
C GLU A 50 -2.87 -14.50 1.83
N LEU A 51 -3.04 -15.15 2.96
CA LEU A 51 -1.91 -15.51 3.82
C LEU A 51 -1.56 -16.97 3.63
N PRO A 52 -0.37 -17.39 4.10
CA PRO A 52 0.04 -18.80 4.09
C PRO A 52 -0.89 -19.66 4.94
N THR A 53 -1.54 -19.01 5.93
CA THR A 53 -2.48 -19.67 6.84
C THR A 53 -1.74 -20.54 7.86
N LYS A 54 -1.01 -21.54 7.37
CA LYS A 54 -0.19 -22.43 8.19
C LYS A 54 -1.02 -23.25 9.16
N LYS A 55 -1.18 -24.53 8.85
CA LYS A 55 -1.86 -25.46 9.72
C LYS A 55 -1.29 -26.86 9.53
N GLY A 56 -0.83 -27.46 10.62
CA GLY A 56 -0.21 -28.77 10.55
C GLY A 56 -0.97 -29.79 11.35
ZN ZN B . 12.85 2.34 1.50
N MET A 1 -15.59 21.46 6.94
CA MET A 1 -15.99 20.10 7.35
C MET A 1 -15.36 19.07 6.42
N PRO A 2 -15.10 17.86 6.93
CA PRO A 2 -14.56 16.77 6.12
C PRO A 2 -15.58 16.23 5.14
N LEU A 3 -15.40 16.56 3.87
CA LEU A 3 -16.35 16.17 2.84
C LEU A 3 -15.92 14.86 2.18
N THR A 4 -16.88 13.97 1.98
CA THR A 4 -16.62 12.70 1.32
C THR A 4 -16.72 12.85 -0.20
N ASP A 5 -15.57 12.99 -0.84
CA ASP A 5 -15.51 13.07 -2.30
C ASP A 5 -15.65 11.68 -2.90
N PRO A 6 -15.90 11.57 -4.21
CA PRO A 6 -16.07 10.28 -4.86
C PRO A 6 -14.76 9.53 -4.96
N ALA A 7 -13.66 10.27 -4.98
CA ALA A 7 -12.34 9.68 -4.97
C ALA A 7 -11.85 9.59 -3.53
N LYS A 8 -11.64 8.37 -3.05
CA LYS A 8 -11.21 8.16 -1.68
C LYS A 8 -9.69 8.23 -1.59
N LEU A 9 -9.21 8.79 -0.49
CA LEU A 9 -7.76 8.91 -0.28
C LEU A 9 -7.20 7.62 0.28
N GLN A 10 -6.57 6.84 -0.60
CA GLN A 10 -5.94 5.57 -0.23
C GLN A 10 -7.00 4.53 0.15
N ILE A 11 -6.53 3.41 0.68
CA ILE A 11 -7.40 2.27 0.90
C ILE A 11 -7.71 2.07 2.38
N VAL A 12 -7.51 3.12 3.15
CA VAL A 12 -7.76 3.09 4.59
C VAL A 12 -9.18 2.62 4.94
N GLN A 13 -9.27 1.87 6.04
CA GLN A 13 -10.52 1.38 6.59
C GLN A 13 -11.14 0.26 5.74
N GLN A 14 -11.96 0.62 4.76
CA GLN A 14 -12.73 -0.37 4.03
C GLN A 14 -12.19 -0.60 2.62
N ARG A 15 -11.17 -1.44 2.53
CA ARG A 15 -10.61 -1.85 1.25
C ARG A 15 -10.01 -3.24 1.37
N VAL A 16 -10.05 -3.98 0.28
CA VAL A 16 -9.43 -5.28 0.22
C VAL A 16 -7.97 -5.12 -0.15
N PHE A 17 -7.74 -4.24 -1.10
CA PHE A 17 -6.40 -3.94 -1.58
C PHE A 17 -5.57 -3.27 -0.49
N LEU A 18 -4.34 -3.72 -0.31
CA LEU A 18 -3.48 -3.26 0.77
C LEU A 18 -2.36 -2.36 0.27
N LYS A 19 -1.50 -1.92 1.18
CA LYS A 19 -0.39 -1.04 0.85
C LYS A 19 0.87 -1.84 0.50
N LYS A 20 1.86 -1.15 -0.04
CA LYS A 20 3.13 -1.75 -0.38
C LYS A 20 4.20 -1.32 0.60
N VAL A 21 4.94 -2.26 1.12
CA VAL A 21 5.98 -1.97 2.08
C VAL A 21 7.35 -2.13 1.43
N CYS A 22 8.17 -1.09 1.56
CA CYS A 22 9.54 -1.12 1.08
C CYS A 22 10.31 -2.26 1.71
N ARG A 23 11.10 -2.97 0.91
CA ARG A 23 11.90 -4.08 1.41
C ARG A 23 13.21 -3.57 2.00
N LYS A 24 13.43 -2.26 1.93
CA LYS A 24 14.69 -1.68 2.35
C LYS A 24 14.54 -0.94 3.68
N CYS A 25 13.51 -0.10 3.79
CA CYS A 25 13.22 0.58 5.05
C CYS A 25 12.19 -0.20 5.83
N GLY A 26 11.25 -0.78 5.10
CA GLY A 26 9.99 -1.18 5.68
C GLY A 26 8.98 -0.07 5.55
N ALA A 27 9.31 0.89 4.69
CA ALA A 27 8.46 2.05 4.44
C ALA A 27 7.23 1.66 3.65
N LEU A 28 6.09 1.71 4.30
CA LEU A 28 4.83 1.37 3.66
C LEU A 28 4.32 2.57 2.87
N ASN A 29 4.42 2.49 1.56
CA ASN A 29 4.04 3.61 0.71
C ASN A 29 2.63 3.41 0.21
N PRO A 30 1.93 4.49 -0.15
CA PRO A 30 0.57 4.38 -0.63
C PRO A 30 0.51 3.64 -1.95
N ILE A 31 -0.64 3.06 -2.24
CA ILE A 31 -0.84 2.32 -3.47
C ILE A 31 -0.72 3.24 -4.69
N ARG A 32 -0.70 4.54 -4.42
CA ARG A 32 -0.59 5.55 -5.46
C ARG A 32 0.88 5.90 -5.73
N ALA A 33 1.73 5.66 -4.75
CA ALA A 33 3.16 5.92 -4.90
C ALA A 33 3.78 4.86 -5.77
N THR A 34 4.66 5.26 -6.66
CA THR A 34 5.26 4.33 -7.60
C THR A 34 6.51 3.69 -7.01
N LYS A 35 7.02 4.29 -5.94
CA LYS A 35 8.25 3.82 -5.34
C LYS A 35 8.31 4.21 -3.87
N CYS A 36 9.38 3.81 -3.22
CA CYS A 36 9.62 4.18 -1.84
C CYS A 36 9.81 5.69 -1.75
N ARG A 37 9.08 6.35 -0.88
CA ARG A 37 9.32 7.78 -0.71
C ARG A 37 10.44 8.02 0.30
N ARG A 38 11.20 6.96 0.60
CA ARG A 38 12.41 7.05 1.43
C ARG A 38 13.66 6.70 0.62
N CYS A 39 13.58 5.64 -0.18
CA CYS A 39 14.70 5.26 -1.05
C CYS A 39 14.51 5.89 -2.40
N HIS A 40 13.24 5.89 -2.83
CA HIS A 40 12.90 6.12 -4.22
C HIS A 40 13.59 5.05 -5.06
N SER A 41 13.26 3.79 -4.77
CA SER A 41 13.97 2.66 -5.35
C SER A 41 13.02 1.69 -6.08
N THR A 42 11.74 2.03 -6.07
CA THR A 42 10.68 1.17 -6.64
C THR A 42 10.76 -0.28 -6.14
N ASN A 43 11.34 -0.47 -4.96
CA ASN A 43 11.43 -1.80 -4.38
C ASN A 43 10.45 -1.95 -3.22
N LEU A 44 9.19 -2.10 -3.58
CA LEU A 44 8.13 -2.25 -2.59
C LEU A 44 7.40 -3.56 -2.84
N ARG A 45 6.77 -4.09 -1.81
CA ARG A 45 5.96 -5.28 -1.95
C ARG A 45 4.61 -5.05 -1.28
N LEU A 46 3.54 -5.24 -2.05
CA LEU A 46 2.21 -5.11 -1.51
C LEU A 46 1.86 -6.37 -0.76
N LYS A 47 1.29 -6.22 0.42
CA LYS A 47 0.99 -7.37 1.28
C LYS A 47 0.07 -8.35 0.57
N LYS A 48 0.35 -9.64 0.76
CA LYS A 48 -0.37 -10.69 0.08
C LYS A 48 -1.82 -10.73 0.53
N LYS A 49 -2.69 -10.22 -0.32
CA LYS A 49 -4.11 -10.14 0.00
C LYS A 49 -4.88 -11.28 -0.65
N GLU A 50 -5.24 -12.26 0.15
CA GLU A 50 -6.05 -13.37 -0.31
C GLU A 50 -7.53 -13.08 -0.08
N LEU A 51 -8.38 -13.99 -0.52
CA LEU A 51 -9.81 -13.84 -0.34
C LEU A 51 -10.33 -14.95 0.57
N PRO A 52 -11.43 -14.69 1.30
CA PRO A 52 -12.05 -15.70 2.15
C PRO A 52 -12.66 -16.83 1.30
N THR A 53 -12.05 -18.00 1.38
CA THR A 53 -12.50 -19.14 0.60
C THR A 53 -13.84 -19.66 1.10
N LYS A 54 -14.91 -19.30 0.41
CA LYS A 54 -16.24 -19.70 0.80
C LYS A 54 -16.50 -21.15 0.41
N LYS A 55 -17.29 -21.83 1.24
CA LYS A 55 -17.65 -23.21 0.98
C LYS A 55 -19.07 -23.28 0.44
N GLY A 56 -19.63 -22.09 0.19
CA GLY A 56 -20.98 -21.98 -0.32
C GLY A 56 -21.48 -20.56 -0.27
ZN ZN B . 12.88 2.44 1.33
N MET A 1 -10.03 0.37 -20.40
CA MET A 1 -9.18 0.56 -19.21
C MET A 1 -10.01 0.34 -17.94
N PRO A 2 -9.39 -0.19 -16.89
CA PRO A 2 -10.08 -0.46 -15.62
C PRO A 2 -10.47 0.82 -14.88
N LEU A 3 -11.76 0.93 -14.57
CA LEU A 3 -12.29 2.05 -13.82
C LEU A 3 -13.13 1.52 -12.66
N THR A 4 -12.64 0.44 -12.06
CA THR A 4 -13.36 -0.26 -10.99
C THR A 4 -13.46 0.60 -9.73
N ASP A 5 -12.55 1.55 -9.56
CA ASP A 5 -12.62 2.44 -8.42
C ASP A 5 -12.57 3.89 -8.90
N PRO A 6 -13.17 4.79 -8.11
CA PRO A 6 -13.26 6.22 -8.43
C PRO A 6 -11.92 6.94 -8.30
N ALA A 7 -10.96 6.24 -7.72
CA ALA A 7 -9.65 6.80 -7.44
C ALA A 7 -9.71 8.08 -6.62
N LYS A 8 -10.12 7.94 -5.36
CA LYS A 8 -10.11 9.07 -4.43
C LYS A 8 -8.99 8.89 -3.40
N LEU A 9 -9.37 8.47 -2.19
CA LEU A 9 -8.41 8.27 -1.11
C LEU A 9 -7.73 6.91 -1.26
N GLN A 10 -6.91 6.56 -0.29
CA GLN A 10 -6.18 5.29 -0.32
C GLN A 10 -7.08 4.14 0.12
N ILE A 11 -6.47 2.97 0.30
CA ILE A 11 -7.19 1.77 0.68
C ILE A 11 -7.40 1.68 2.19
N VAL A 12 -7.07 2.77 2.88
CA VAL A 12 -7.13 2.82 4.34
C VAL A 12 -8.52 2.49 4.88
N GLN A 13 -8.57 2.16 6.17
CA GLN A 13 -9.80 1.74 6.84
C GLN A 13 -10.22 0.35 6.41
N GLN A 14 -10.67 0.22 5.17
CA GLN A 14 -11.15 -1.06 4.66
C GLN A 14 -11.38 -0.99 3.15
N ARG A 15 -10.39 -1.42 2.38
CA ARG A 15 -10.52 -1.44 0.93
C ARG A 15 -10.19 -2.83 0.39
N VAL A 16 -9.88 -3.75 1.30
CA VAL A 16 -9.39 -5.08 0.94
C VAL A 16 -7.94 -4.98 0.42
N PHE A 17 -7.11 -5.95 0.82
CA PHE A 17 -5.67 -5.94 0.52
C PHE A 17 -4.94 -4.90 1.37
N LEU A 18 -3.63 -4.86 1.24
CA LEU A 18 -2.79 -4.00 2.06
C LEU A 18 -1.91 -3.11 1.19
N LYS A 19 -1.07 -2.31 1.83
CA LYS A 19 -0.19 -1.41 1.11
C LYS A 19 1.11 -2.10 0.69
N LYS A 20 2.01 -1.34 0.06
CA LYS A 20 3.29 -1.87 -0.37
C LYS A 20 4.36 -1.46 0.61
N VAL A 21 5.09 -2.43 1.13
CA VAL A 21 6.14 -2.15 2.06
C VAL A 21 7.50 -2.25 1.39
N CYS A 22 8.29 -1.21 1.51
CA CYS A 22 9.65 -1.21 1.01
C CYS A 22 10.46 -2.30 1.69
N ARG A 23 11.19 -3.09 0.91
CA ARG A 23 12.01 -4.13 1.52
C ARG A 23 13.40 -3.58 1.89
N LYS A 24 13.59 -2.28 1.69
CA LYS A 24 14.84 -1.63 2.06
C LYS A 24 14.71 -0.95 3.42
N CYS A 25 13.60 -0.24 3.63
CA CYS A 25 13.34 0.38 4.93
C CYS A 25 12.34 -0.45 5.71
N GLY A 26 11.29 -0.83 5.02
CA GLY A 26 10.06 -1.22 5.68
C GLY A 26 9.06 -0.08 5.59
N ALA A 27 9.31 0.83 4.65
CA ALA A 27 8.46 1.99 4.42
C ALA A 27 7.24 1.59 3.62
N LEU A 28 6.07 1.70 4.24
CA LEU A 28 4.83 1.33 3.59
C LEU A 28 4.29 2.50 2.80
N ASN A 29 4.30 2.37 1.49
CA ASN A 29 3.89 3.44 0.60
C ASN A 29 2.48 3.16 0.08
N PRO A 30 1.73 4.20 -0.28
CA PRO A 30 0.37 4.02 -0.79
C PRO A 30 0.36 3.27 -2.10
N ILE A 31 -0.76 2.64 -2.40
CA ILE A 31 -0.91 1.87 -3.64
C ILE A 31 -0.81 2.80 -4.86
N ARG A 32 -0.96 4.10 -4.61
CA ARG A 32 -0.88 5.11 -5.67
C ARG A 32 0.56 5.51 -5.94
N ALA A 33 1.44 5.25 -4.97
CA ALA A 33 2.83 5.62 -5.10
C ALA A 33 3.53 4.69 -6.08
N THR A 34 4.63 5.15 -6.65
CA THR A 34 5.36 4.36 -7.62
C THR A 34 6.62 3.76 -6.99
N LYS A 35 7.09 4.38 -5.92
CA LYS A 35 8.29 3.89 -5.25
C LYS A 35 8.31 4.27 -3.79
N CYS A 36 9.41 3.92 -3.14
CA CYS A 36 9.62 4.23 -1.73
C CYS A 36 9.77 5.73 -1.56
N ARG A 37 9.02 6.32 -0.65
CA ARG A 37 9.19 7.73 -0.35
C ARG A 37 10.33 7.94 0.64
N ARG A 38 11.17 6.91 0.79
CA ARG A 38 12.41 7.01 1.56
C ARG A 38 13.63 6.73 0.67
N CYS A 39 13.57 5.66 -0.13
CA CYS A 39 14.69 5.32 -1.01
C CYS A 39 14.47 5.96 -2.35
N HIS A 40 13.20 5.93 -2.78
CA HIS A 40 12.85 6.24 -4.14
C HIS A 40 13.52 5.24 -5.08
N SER A 41 13.51 3.98 -4.67
CA SER A 41 14.26 2.94 -5.37
C SER A 41 13.31 1.93 -6.00
N THR A 42 12.02 2.29 -6.04
CA THR A 42 10.97 1.43 -6.58
C THR A 42 11.05 0.00 -6.03
N ASN A 43 11.43 -0.13 -4.77
CA ASN A 43 11.60 -1.44 -4.17
C ASN A 43 10.56 -1.67 -3.07
N LEU A 44 9.33 -1.91 -3.48
CA LEU A 44 8.24 -2.15 -2.55
C LEU A 44 7.59 -3.49 -2.85
N ARG A 45 6.96 -4.07 -1.86
CA ARG A 45 6.19 -5.30 -2.08
C ARG A 45 4.77 -5.14 -1.53
N LEU A 46 3.79 -5.33 -2.39
CA LEU A 46 2.39 -5.20 -2.01
C LEU A 46 2.00 -6.38 -1.12
N LYS A 47 1.47 -6.07 0.05
CA LYS A 47 1.08 -7.11 0.99
C LYS A 47 -0.23 -7.77 0.57
N LYS A 48 -0.17 -9.08 0.31
CA LYS A 48 -1.35 -9.83 -0.06
C LYS A 48 -2.35 -9.92 1.09
N LYS A 49 -3.59 -10.21 0.74
CA LYS A 49 -4.65 -10.41 1.71
C LYS A 49 -5.60 -11.47 1.16
N GLU A 50 -6.08 -11.23 -0.04
CA GLU A 50 -6.72 -12.25 -0.84
C GLU A 50 -5.67 -12.91 -1.71
N LEU A 51 -5.78 -14.21 -1.89
CA LEU A 51 -4.76 -14.97 -2.60
C LEU A 51 -5.32 -15.50 -3.91
N PRO A 52 -4.44 -15.73 -4.90
CA PRO A 52 -4.84 -16.38 -6.15
C PRO A 52 -5.27 -17.82 -5.90
N THR A 53 -6.58 -18.01 -5.75
CA THR A 53 -7.16 -19.30 -5.41
C THR A 53 -6.90 -19.65 -3.95
N LYS A 54 -7.80 -19.21 -3.08
CA LYS A 54 -7.73 -19.53 -1.66
C LYS A 54 -8.22 -20.96 -1.43
N LYS A 55 -7.67 -21.61 -0.40
CA LYS A 55 -8.00 -22.99 -0.05
C LYS A 55 -7.46 -23.96 -1.10
N GLY A 56 -6.38 -24.63 -0.75
CA GLY A 56 -5.76 -25.58 -1.63
C GLY A 56 -4.74 -26.42 -0.89
ZN ZN B . 12.93 2.41 1.33
N MET A 1 0.37 4.72 13.35
CA MET A 1 0.18 6.09 12.79
C MET A 1 -0.88 6.06 11.71
N PRO A 2 -1.74 7.09 11.69
CA PRO A 2 -2.77 7.24 10.68
C PRO A 2 -2.28 8.05 9.48
N LEU A 3 -3.13 8.18 8.48
CA LEU A 3 -2.80 9.01 7.33
C LEU A 3 -3.29 10.43 7.56
N THR A 4 -2.37 11.37 7.49
CA THR A 4 -2.69 12.76 7.77
C THR A 4 -3.02 13.50 6.47
N ASP A 5 -2.76 12.85 5.35
CA ASP A 5 -3.08 13.42 4.05
C ASP A 5 -4.58 13.39 3.82
N PRO A 6 -5.08 14.21 2.88
CA PRO A 6 -6.51 14.33 2.59
C PRO A 6 -7.14 13.02 2.11
N ALA A 7 -6.30 12.04 1.83
CA ALA A 7 -6.73 10.75 1.31
C ALA A 7 -7.40 10.90 -0.05
N LYS A 8 -6.59 10.84 -1.08
CA LYS A 8 -7.08 10.90 -2.45
C LYS A 8 -7.89 9.65 -2.76
N LEU A 9 -7.25 8.52 -2.61
CA LEU A 9 -7.87 7.22 -2.85
C LEU A 9 -6.97 6.11 -2.33
N GLN A 10 -6.95 5.92 -1.02
CA GLN A 10 -6.16 4.86 -0.43
C GLN A 10 -7.06 3.80 0.18
N ILE A 11 -6.43 2.80 0.78
CA ILE A 11 -7.16 1.68 1.39
C ILE A 11 -7.87 2.11 2.67
N VAL A 12 -7.67 3.36 3.06
CA VAL A 12 -8.39 3.92 4.20
C VAL A 12 -9.79 4.33 3.79
N GLN A 13 -10.01 4.38 2.48
CA GLN A 13 -11.31 4.73 1.91
C GLN A 13 -11.87 3.51 1.18
N GLN A 14 -11.02 2.85 0.41
CA GLN A 14 -11.38 1.62 -0.26
C GLN A 14 -10.36 0.53 0.06
N ARG A 15 -10.69 -0.31 1.03
CA ARG A 15 -9.76 -1.31 1.52
C ARG A 15 -10.00 -2.65 0.80
N VAL A 16 -9.30 -2.84 -0.30
CA VAL A 16 -9.36 -4.09 -1.03
C VAL A 16 -8.12 -4.92 -0.73
N PHE A 17 -6.96 -4.29 -0.86
CA PHE A 17 -5.69 -4.93 -0.56
C PHE A 17 -4.97 -4.16 0.52
N LEU A 18 -3.68 -4.45 0.66
CA LEU A 18 -2.85 -3.78 1.65
C LEU A 18 -1.90 -2.80 0.96
N LYS A 19 -1.05 -2.17 1.74
CA LYS A 19 -0.07 -1.23 1.19
C LYS A 19 1.20 -1.96 0.77
N LYS A 20 2.10 -1.24 0.10
CA LYS A 20 3.34 -1.83 -0.36
C LYS A 20 4.47 -1.44 0.58
N VAL A 21 5.14 -2.43 1.12
CA VAL A 21 6.20 -2.17 2.06
C VAL A 21 7.56 -2.34 1.40
N CYS A 22 8.34 -1.27 1.43
CA CYS A 22 9.70 -1.29 0.91
C CYS A 22 10.52 -2.36 1.61
N ARG A 23 11.18 -3.22 0.86
CA ARG A 23 11.99 -4.28 1.48
C ARG A 23 13.36 -3.74 1.87
N LYS A 24 13.56 -2.43 1.70
CA LYS A 24 14.78 -1.77 2.10
C LYS A 24 14.59 -1.09 3.45
N CYS A 25 13.65 -0.14 3.50
CA CYS A 25 13.40 0.61 4.72
C CYS A 25 12.31 -0.05 5.55
N GLY A 26 11.41 -0.73 4.87
CA GLY A 26 10.20 -1.18 5.51
C GLY A 26 9.13 -0.12 5.44
N ALA A 27 9.33 0.84 4.53
CA ALA A 27 8.40 1.95 4.36
C ALA A 27 7.18 1.52 3.56
N LEU A 28 6.03 1.64 4.18
CA LEU A 28 4.78 1.26 3.54
C LEU A 28 4.19 2.43 2.77
N ASN A 29 4.28 2.36 1.46
CA ASN A 29 3.86 3.45 0.61
C ASN A 29 2.42 3.24 0.15
N PRO A 30 1.72 4.31 -0.25
CA PRO A 30 0.36 4.18 -0.74
C PRO A 30 0.31 3.40 -2.04
N ILE A 31 -0.81 2.76 -2.30
CA ILE A 31 -1.01 1.98 -3.52
C ILE A 31 -0.92 2.86 -4.77
N ARG A 32 -0.97 4.18 -4.56
CA ARG A 32 -0.93 5.14 -5.65
C ARG A 32 0.51 5.59 -5.93
N ALA A 33 1.39 5.35 -4.97
CA ALA A 33 2.79 5.74 -5.11
C ALA A 33 3.50 4.78 -6.04
N THR A 34 4.49 5.28 -6.76
CA THR A 34 5.21 4.46 -7.71
C THR A 34 6.41 3.80 -7.06
N LYS A 35 6.89 4.39 -5.96
CA LYS A 35 8.01 3.84 -5.26
C LYS A 35 8.06 4.32 -3.82
N CYS A 36 9.13 3.93 -3.15
CA CYS A 36 9.37 4.28 -1.78
C CYS A 36 9.58 5.77 -1.60
N ARG A 37 8.88 6.36 -0.65
CA ARG A 37 9.04 7.78 -0.34
C ARG A 37 10.18 7.98 0.66
N ARG A 38 10.99 6.94 0.83
CA ARG A 38 12.17 7.01 1.69
C ARG A 38 13.46 6.90 0.87
N CYS A 39 13.54 5.91 0.00
CA CYS A 39 14.77 5.70 -0.79
C CYS A 39 14.48 5.79 -2.28
N HIS A 40 13.20 5.76 -2.67
CA HIS A 40 12.82 5.93 -4.07
C HIS A 40 13.47 4.84 -4.95
N SER A 41 13.51 3.63 -4.44
CA SER A 41 14.24 2.55 -5.10
C SER A 41 13.27 1.59 -5.78
N THR A 42 11.99 1.97 -5.80
CA THR A 42 10.91 1.16 -6.38
C THR A 42 10.90 -0.26 -5.82
N ASN A 43 11.55 -0.46 -4.68
CA ASN A 43 11.73 -1.79 -4.11
C ASN A 43 10.70 -2.03 -3.02
N LEU A 44 9.46 -2.15 -3.44
CA LEU A 44 8.34 -2.34 -2.52
C LEU A 44 7.74 -3.72 -2.75
N ARG A 45 6.95 -4.19 -1.80
CA ARG A 45 6.17 -5.40 -2.02
C ARG A 45 4.75 -5.19 -1.54
N LEU A 46 3.81 -5.36 -2.46
CA LEU A 46 2.39 -5.21 -2.16
C LEU A 46 1.91 -6.40 -1.35
N LYS A 47 1.56 -6.16 -0.10
CA LYS A 47 1.07 -7.23 0.77
C LYS A 47 -0.27 -7.75 0.27
N LYS A 48 -0.30 -9.03 -0.06
CA LYS A 48 -1.49 -9.66 -0.58
C LYS A 48 -2.49 -9.91 0.55
N LYS A 49 -3.58 -9.15 0.54
CA LYS A 49 -4.66 -9.36 1.50
C LYS A 49 -5.20 -10.77 1.33
N GLU A 50 -5.36 -11.18 0.08
CA GLU A 50 -5.77 -12.53 -0.24
C GLU A 50 -4.81 -13.14 -1.25
N LEU A 51 -4.37 -14.35 -0.97
CA LEU A 51 -3.50 -15.07 -1.88
C LEU A 51 -4.35 -15.70 -2.99
N PRO A 52 -3.72 -16.23 -4.05
CA PRO A 52 -4.45 -16.83 -5.18
C PRO A 52 -5.46 -17.88 -4.73
N THR A 53 -6.72 -17.46 -4.66
CA THR A 53 -7.79 -18.33 -4.23
C THR A 53 -8.28 -19.17 -5.40
N LYS A 54 -8.38 -20.46 -5.19
CA LYS A 54 -8.72 -21.39 -6.26
C LYS A 54 -10.18 -21.84 -6.13
N LYS A 55 -11.03 -21.32 -6.99
CA LYS A 55 -12.44 -21.69 -6.99
C LYS A 55 -12.66 -22.88 -7.92
N GLY A 56 -13.89 -23.39 -7.96
CA GLY A 56 -14.19 -24.52 -8.80
C GLY A 56 -14.91 -24.11 -10.05
ZN ZN B . 12.90 2.41 0.88
N MET A 1 3.44 14.94 4.87
CA MET A 1 3.63 14.93 6.34
C MET A 1 3.51 13.50 6.86
N PRO A 2 4.12 13.18 8.01
CA PRO A 2 4.03 11.85 8.62
C PRO A 2 2.60 11.53 9.05
N LEU A 3 1.84 12.59 9.34
CA LEU A 3 0.45 12.45 9.72
C LEU A 3 -0.38 13.52 9.01
N THR A 4 -1.28 13.05 8.15
CA THR A 4 -2.18 13.92 7.39
C THR A 4 -1.47 14.60 6.21
N ASP A 5 -1.88 14.25 5.01
CA ASP A 5 -1.44 14.91 3.79
C ASP A 5 -2.65 15.21 2.92
N PRO A 6 -2.51 16.07 1.91
CA PRO A 6 -3.62 16.43 1.01
C PRO A 6 -4.30 15.19 0.41
N ALA A 7 -3.50 14.17 0.12
CA ALA A 7 -3.98 12.88 -0.37
C ALA A 7 -4.58 12.97 -1.78
N LYS A 8 -4.57 11.83 -2.48
CA LYS A 8 -5.15 11.75 -3.81
C LYS A 8 -6.35 10.81 -3.79
N LEU A 9 -6.10 9.55 -3.47
CA LEU A 9 -7.13 8.51 -3.42
C LEU A 9 -6.52 7.20 -2.96
N GLN A 10 -6.72 6.83 -1.70
CA GLN A 10 -6.08 5.65 -1.15
C GLN A 10 -7.08 4.74 -0.44
N ILE A 11 -6.55 3.73 0.25
CA ILE A 11 -7.35 2.70 0.90
C ILE A 11 -7.65 3.06 2.36
N VAL A 12 -7.18 4.23 2.77
CA VAL A 12 -7.21 4.62 4.17
C VAL A 12 -8.62 4.94 4.67
N GLN A 13 -9.38 3.89 4.97
CA GLN A 13 -10.70 4.02 5.56
C GLN A 13 -11.23 2.65 5.94
N GLN A 14 -11.55 1.84 4.93
CA GLN A 14 -12.10 0.51 5.18
C GLN A 14 -11.73 -0.48 4.07
N ARG A 15 -10.79 -0.10 3.22
CA ARG A 15 -10.37 -0.98 2.13
C ARG A 15 -9.46 -2.08 2.66
N VAL A 16 -9.80 -3.32 2.36
CA VAL A 16 -9.05 -4.48 2.83
C VAL A 16 -7.71 -4.59 2.08
N PHE A 17 -7.61 -3.88 0.97
CA PHE A 17 -6.40 -3.87 0.17
C PHE A 17 -5.29 -3.14 0.92
N LEU A 18 -4.16 -3.81 1.08
CA LEU A 18 -3.05 -3.26 1.84
C LEU A 18 -2.13 -2.45 0.94
N LYS A 19 -1.06 -1.91 1.53
CA LYS A 19 -0.14 -1.04 0.82
C LYS A 19 1.11 -1.81 0.40
N LYS A 20 1.99 -1.11 -0.31
CA LYS A 20 3.24 -1.70 -0.76
C LYS A 20 4.35 -1.34 0.21
N VAL A 21 5.03 -2.32 0.73
CA VAL A 21 6.06 -2.09 1.70
C VAL A 21 7.44 -2.25 1.07
N CYS A 22 8.27 -1.23 1.24
CA CYS A 22 9.64 -1.25 0.77
C CYS A 22 10.42 -2.38 1.42
N ARG A 23 11.14 -3.15 0.62
CA ARG A 23 11.92 -4.27 1.17
C ARG A 23 13.27 -3.78 1.69
N LYS A 24 13.48 -2.47 1.66
CA LYS A 24 14.72 -1.87 2.11
C LYS A 24 14.55 -1.17 3.45
N CYS A 25 13.52 -0.32 3.54
CA CYS A 25 13.24 0.39 4.79
C CYS A 25 12.13 -0.32 5.57
N GLY A 26 11.27 -0.99 4.84
CA GLY A 26 10.02 -1.45 5.41
C GLY A 26 8.98 -0.36 5.37
N ALA A 27 9.20 0.61 4.48
CA ALA A 27 8.33 1.76 4.34
C ALA A 27 7.12 1.42 3.48
N LEU A 28 5.95 1.51 4.06
CA LEU A 28 4.72 1.23 3.35
C LEU A 28 4.23 2.47 2.62
N ASN A 29 4.22 2.42 1.31
CA ASN A 29 3.85 3.57 0.51
C ASN A 29 2.45 3.37 -0.04
N PRO A 30 1.75 4.46 -0.38
CA PRO A 30 0.40 4.36 -0.93
C PRO A 30 0.41 3.64 -2.27
N ILE A 31 -0.71 3.04 -2.61
CA ILE A 31 -0.86 2.33 -3.88
C ILE A 31 -0.70 3.30 -5.06
N ARG A 32 -0.73 4.59 -4.75
CA ARG A 32 -0.56 5.65 -5.74
C ARG A 32 0.92 5.96 -5.95
N ALA A 33 1.74 5.67 -4.95
CA ALA A 33 3.15 6.00 -5.01
C ALA A 33 3.88 5.08 -5.97
N THR A 34 4.77 5.64 -6.75
CA THR A 34 5.51 4.87 -7.72
C THR A 34 6.67 4.13 -7.05
N LYS A 35 7.13 4.66 -5.92
CA LYS A 35 8.22 4.05 -5.20
C LYS A 35 8.25 4.51 -3.76
N CYS A 36 9.25 4.03 -3.06
CA CYS A 36 9.47 4.34 -1.66
C CYS A 36 9.70 5.83 -1.46
N ARG A 37 8.97 6.42 -0.52
CA ARG A 37 9.17 7.84 -0.20
C ARG A 37 10.29 8.01 0.82
N ARG A 38 10.98 6.92 1.11
CA ARG A 38 12.13 6.95 2.00
C ARG A 38 13.44 6.90 1.23
N CYS A 39 13.56 5.92 0.33
CA CYS A 39 14.80 5.77 -0.44
C CYS A 39 14.57 5.87 -1.94
N HIS A 40 13.30 5.89 -2.37
CA HIS A 40 12.97 6.06 -3.79
C HIS A 40 13.68 5.02 -4.64
N SER A 41 13.65 3.76 -4.21
CA SER A 41 14.44 2.72 -4.84
C SER A 41 13.55 1.73 -5.58
N THR A 42 12.30 2.14 -5.81
CA THR A 42 11.32 1.37 -6.59
C THR A 42 11.23 -0.10 -6.18
N ASN A 43 11.53 -0.39 -4.92
CA ASN A 43 11.49 -1.77 -4.44
C ASN A 43 10.48 -1.93 -3.32
N LEU A 44 9.22 -1.99 -3.72
CA LEU A 44 8.12 -2.17 -2.79
C LEU A 44 7.43 -3.49 -3.09
N ARG A 45 6.72 -4.03 -2.11
CA ARG A 45 5.92 -5.23 -2.33
C ARG A 45 4.51 -5.03 -1.77
N LEU A 46 3.53 -5.14 -2.65
CA LEU A 46 2.13 -5.01 -2.26
C LEU A 46 1.72 -6.23 -1.45
N LYS A 47 1.27 -6.00 -0.22
CA LYS A 47 0.89 -7.08 0.68
C LYS A 47 -0.34 -7.82 0.16
N LYS A 48 -0.17 -9.09 -0.12
CA LYS A 48 -1.25 -9.91 -0.64
C LYS A 48 -2.21 -10.27 0.49
N LYS A 49 -3.49 -10.41 0.16
CA LYS A 49 -4.51 -10.72 1.16
C LYS A 49 -4.95 -12.17 1.06
N GLU A 50 -5.19 -12.74 2.21
CA GLU A 50 -5.70 -14.11 2.32
C GLU A 50 -7.14 -14.17 1.80
N LEU A 51 -7.65 -15.39 1.63
CA LEU A 51 -9.02 -15.58 1.18
C LEU A 51 -10.00 -15.21 2.28
N PRO A 52 -11.25 -14.89 1.92
CA PRO A 52 -12.26 -14.46 2.89
C PRO A 52 -12.64 -15.56 3.86
N THR A 53 -12.29 -15.35 5.13
CA THR A 53 -12.52 -16.34 6.15
C THR A 53 -13.90 -16.19 6.79
N LYS A 54 -14.89 -16.85 6.21
CA LYS A 54 -16.23 -16.84 6.75
C LYS A 54 -16.58 -18.21 7.33
N LYS A 55 -16.39 -18.35 8.63
CA LYS A 55 -16.80 -19.55 9.34
C LYS A 55 -17.97 -19.23 10.25
N GLY A 56 -17.94 -18.05 10.85
CA GLY A 56 -19.02 -17.61 11.70
C GLY A 56 -19.06 -16.10 11.79
ZN ZN B . 12.90 2.39 1.05
N MET A 1 -9.01 3.19 17.94
CA MET A 1 -7.87 3.79 17.21
C MET A 1 -7.82 5.29 17.44
N PRO A 2 -6.66 5.92 17.21
CA PRO A 2 -6.51 7.37 17.21
C PRO A 2 -7.52 8.04 16.28
N LEU A 3 -7.81 9.32 16.53
CA LEU A 3 -8.76 10.06 15.71
C LEU A 3 -8.35 10.08 14.24
N THR A 4 -8.98 9.24 13.46
CA THR A 4 -8.65 9.09 12.05
C THR A 4 -9.62 9.88 11.18
N ASP A 5 -9.08 10.64 10.24
CA ASP A 5 -9.89 11.37 9.28
C ASP A 5 -10.47 10.42 8.23
N PRO A 6 -11.55 10.85 7.53
CA PRO A 6 -12.29 9.97 6.62
C PRO A 6 -11.43 9.35 5.52
N ALA A 7 -10.90 10.18 4.62
CA ALA A 7 -10.13 9.69 3.49
C ALA A 7 -9.49 10.82 2.71
N LYS A 8 -8.48 10.47 1.91
CA LYS A 8 -7.80 11.43 1.04
C LYS A 8 -7.70 10.88 -0.38
N LEU A 9 -6.71 10.03 -0.61
CA LEU A 9 -6.50 9.42 -1.91
C LEU A 9 -5.94 8.00 -1.74
N GLN A 10 -6.30 7.36 -0.63
CA GLN A 10 -5.75 6.06 -0.29
C GLN A 10 -6.83 5.09 0.19
N ILE A 11 -6.38 3.93 0.62
CA ILE A 11 -7.26 2.85 1.04
C ILE A 11 -7.63 2.97 2.53
N VAL A 12 -7.20 4.06 3.14
CA VAL A 12 -7.33 4.26 4.58
C VAL A 12 -8.77 4.43 5.04
N GLN A 13 -9.70 4.52 4.11
CA GLN A 13 -11.11 4.68 4.44
C GLN A 13 -11.72 3.32 4.78
N GLN A 14 -12.28 2.66 3.76
CA GLN A 14 -12.78 1.30 3.89
C GLN A 14 -12.36 0.47 2.69
N ARG A 15 -11.11 0.05 2.70
CA ARG A 15 -10.57 -0.77 1.64
C ARG A 15 -9.96 -2.05 2.19
N VAL A 16 -10.27 -3.16 1.55
CA VAL A 16 -9.74 -4.46 1.95
C VAL A 16 -8.34 -4.68 1.36
N PHE A 17 -7.86 -3.66 0.66
CA PHE A 17 -6.55 -3.74 0.01
C PHE A 17 -5.49 -3.13 0.92
N LEU A 18 -4.32 -3.74 0.92
CA LEU A 18 -3.22 -3.30 1.78
C LEU A 18 -2.25 -2.41 1.01
N LYS A 19 -1.20 -1.97 1.68
CA LYS A 19 -0.21 -1.09 1.08
C LYS A 19 1.03 -1.85 0.66
N LYS A 20 1.93 -1.15 -0.02
CA LYS A 20 3.19 -1.75 -0.48
C LYS A 20 4.31 -1.37 0.47
N VAL A 21 5.00 -2.36 0.97
CA VAL A 21 6.05 -2.10 1.94
C VAL A 21 7.43 -2.23 1.30
N CYS A 22 8.22 -1.19 1.45
CA CYS A 22 9.60 -1.17 0.99
C CYS A 22 10.40 -2.30 1.63
N ARG A 23 11.13 -3.04 0.81
CA ARG A 23 11.95 -4.14 1.34
C ARG A 23 13.23 -3.61 1.98
N LYS A 24 13.45 -2.31 1.85
CA LYS A 24 14.68 -1.69 2.33
C LYS A 24 14.48 -1.07 3.71
N CYS A 25 13.48 -0.20 3.83
CA CYS A 25 13.15 0.40 5.12
C CYS A 25 12.14 -0.47 5.84
N GLY A 26 11.15 -0.90 5.07
CA GLY A 26 9.90 -1.32 5.63
C GLY A 26 8.90 -0.20 5.53
N ALA A 27 9.21 0.76 4.65
CA ALA A 27 8.37 1.92 4.43
C ALA A 27 7.16 1.56 3.60
N LEU A 28 5.99 1.63 4.21
CA LEU A 28 4.76 1.32 3.52
C LEU A 28 4.27 2.53 2.77
N ASN A 29 4.32 2.45 1.45
CA ASN A 29 3.97 3.58 0.61
C ASN A 29 2.55 3.44 0.11
N PRO A 30 1.90 4.56 -0.25
CA PRO A 30 0.53 4.53 -0.74
C PRO A 30 0.43 3.77 -2.05
N ILE A 31 -0.74 3.24 -2.31
CA ILE A 31 -1.00 2.50 -3.53
C ILE A 31 -0.88 3.41 -4.76
N ARG A 32 -0.83 4.72 -4.51
CA ARG A 32 -0.68 5.70 -5.58
C ARG A 32 0.79 5.98 -5.87
N ALA A 33 1.66 5.59 -4.94
CA ALA A 33 3.08 5.87 -5.06
C ALA A 33 3.74 4.91 -6.03
N THR A 34 4.82 5.36 -6.64
CA THR A 34 5.54 4.55 -7.61
C THR A 34 6.68 3.79 -6.97
N LYS A 35 7.28 4.39 -5.94
CA LYS A 35 8.41 3.80 -5.27
C LYS A 35 8.43 4.20 -3.81
N CYS A 36 9.52 3.85 -3.13
CA CYS A 36 9.68 4.19 -1.74
C CYS A 36 9.85 5.69 -1.60
N ARG A 37 9.11 6.32 -0.72
CA ARG A 37 9.26 7.75 -0.52
C ARG A 37 10.45 8.04 0.39
N ARG A 38 11.12 6.99 0.86
CA ARG A 38 12.31 7.12 1.71
C ARG A 38 13.58 6.78 0.93
N CYS A 39 13.54 5.75 0.10
CA CYS A 39 14.69 5.38 -0.74
C CYS A 39 14.55 6.03 -2.09
N HIS A 40 13.31 6.10 -2.53
CA HIS A 40 13.01 6.33 -3.93
C HIS A 40 13.55 5.17 -4.73
N SER A 41 13.02 4.02 -4.39
CA SER A 41 13.43 2.75 -4.93
C SER A 41 12.18 1.95 -5.20
N THR A 42 12.04 1.46 -6.40
CA THR A 42 10.85 0.76 -6.80
C THR A 42 10.88 -0.69 -6.32
N ASN A 43 11.32 -0.86 -5.09
CA ASN A 43 11.45 -2.17 -4.47
C ASN A 43 10.48 -2.27 -3.31
N LEU A 44 9.21 -2.16 -3.63
CA LEU A 44 8.15 -2.31 -2.66
C LEU A 44 7.46 -3.64 -2.90
N ARG A 45 6.72 -4.13 -1.93
CA ARG A 45 5.91 -5.32 -2.13
C ARG A 45 4.50 -5.08 -1.62
N LEU A 46 3.55 -5.11 -2.55
CA LEU A 46 2.15 -4.97 -2.22
C LEU A 46 1.70 -6.24 -1.51
N LYS A 47 1.32 -6.11 -0.26
CA LYS A 47 0.94 -7.26 0.55
C LYS A 47 -0.23 -7.99 -0.09
N LYS A 48 0.02 -9.24 -0.50
CA LYS A 48 -0.98 -10.04 -1.20
C LYS A 48 -2.20 -10.26 -0.32
N LYS A 49 -3.37 -10.05 -0.89
CA LYS A 49 -4.60 -10.20 -0.14
C LYS A 49 -4.94 -11.66 0.10
N GLU A 50 -4.61 -12.12 1.29
CA GLU A 50 -4.92 -13.48 1.72
C GLU A 50 -5.54 -13.41 3.11
N LEU A 51 -5.93 -14.57 3.64
CA LEU A 51 -6.53 -14.71 4.98
C LEU A 51 -7.83 -13.91 5.14
N PRO A 52 -8.70 -14.34 6.07
CA PRO A 52 -9.98 -13.67 6.32
C PRO A 52 -9.79 -12.25 6.86
N THR A 53 -9.87 -11.29 5.96
CA THR A 53 -9.80 -9.88 6.35
C THR A 53 -11.20 -9.30 6.36
N LYS A 54 -11.80 -9.26 7.53
CA LYS A 54 -13.16 -8.78 7.67
C LYS A 54 -13.30 -7.92 8.90
N LYS A 55 -13.51 -6.63 8.70
CA LYS A 55 -13.68 -5.72 9.82
C LYS A 55 -15.11 -5.75 10.32
N GLY A 56 -15.28 -6.22 11.53
CA GLY A 56 -16.59 -6.28 12.12
C GLY A 56 -16.76 -7.53 12.96
ZN ZN B . 12.84 2.46 1.53
#